data_3OM1
#
_entry.id   3OM1
#
_cell.length_a   109.344
_cell.length_b   65.635
_cell.length_c   113.772
_cell.angle_alpha   90.00
_cell.angle_beta   95.72
_cell.angle_gamma   90.00
#
_symmetry.space_group_name_H-M   'C 1 2 1'
#
loop_
_entity.id
_entity.type
_entity.pdbx_description
1 polymer 'Glutamate receptor ionotropic, kainate 5'
2 branched 2-acetamido-2-deoxy-beta-D-glucopyranose-(1-4)-2-acetamido-2-deoxy-beta-D-glucopyranose
3 non-polymer GLYCEROL
4 non-polymer 2-acetamido-2-deoxy-beta-D-glucopyranose
5 non-polymer 'SODIUM ION'
6 water water
#
_entity_poly.entity_id   1
_entity_poly.type   'polypeptide(L)'
_entity_poly.pdbx_seq_one_letter_code
;VLSSLRMAAILDDQTVCGRGERLALALAREQINGIIEVPAKARVEVDIFELQRDSQYETTDTMCQILPKGVVSVLGPSSS
PASASTVSHICGEKEIPHIKVGPEETPRLQYLRFASVSLYPSNEDVSLAVSRILKSFNYPSASLICAKAECLLRLEELVR
GFLISKETLSVRMLDDSRDPTPLLKEIRDDKVSTIIIDANASISHLVLRKASELGMTSAFYKYILTTMDFPILHLDGIVE
DSSNILGFSMFNTSHPFYPEFVRSLNMSWRENCEASTYPGPALSAALMFDAVHVVVSAVRELNRSQEIGVKPLACTSANI
WPHGTSLMNYLRMVEYDGLTGRVEFNSKGQRTNYTLRILEKSRQGHREIGVWYSNRTLAMNATTLDILELVPR
;
_entity_poly.pdbx_strand_id   A,B
#
loop_
_chem_comp.id
_chem_comp.type
_chem_comp.name
_chem_comp.formula
GOL non-polymer GLYCEROL 'C3 H8 O3'
NA non-polymer 'SODIUM ION' 'Na 1'
NAG D-saccharide, beta linking 2-acetamido-2-deoxy-beta-D-glucopyranose 'C8 H15 N O6'
#
# COMPACT_ATOMS: atom_id res chain seq x y z
N SER A 3 -20.26 14.84 -31.54
CA SER A 3 -19.53 15.58 -32.57
C SER A 3 -18.19 16.07 -32.07
N SER A 4 -17.77 15.57 -30.90
CA SER A 4 -16.50 16.00 -30.31
C SER A 4 -15.78 14.88 -29.57
N LEU A 5 -14.49 15.09 -29.39
CA LEU A 5 -13.63 14.16 -28.66
C LEU A 5 -13.45 14.72 -27.25
N ARG A 6 -14.29 14.26 -26.33
CA ARG A 6 -14.40 14.85 -25.00
C ARG A 6 -13.77 13.98 -23.92
N MET A 7 -12.88 14.53 -23.12
CA MET A 7 -12.34 13.81 -21.98
C MET A 7 -12.57 14.67 -20.75
N ALA A 8 -12.44 14.06 -19.58
CA ALA A 8 -12.60 14.83 -18.33
C ALA A 8 -11.30 14.81 -17.57
N ALA A 9 -11.03 15.88 -16.82
CA ALA A 9 -9.84 15.95 -15.99
C ALA A 9 -10.28 16.31 -14.58
N ILE A 10 -9.74 15.59 -13.61
CA ILE A 10 -10.05 15.86 -12.20
C ILE A 10 -8.83 16.52 -11.59
N LEU A 11 -9.01 17.72 -11.04
CA LEU A 11 -7.88 18.50 -10.53
C LEU A 11 -7.96 18.61 -9.01
N ASP A 12 -6.81 18.48 -8.34
CA ASP A 12 -6.71 18.80 -6.91
C ASP A 12 -5.79 20.01 -6.72
N ASP A 13 -5.62 20.77 -7.80
CA ASP A 13 -4.67 21.89 -7.89
C ASP A 13 -5.35 23.23 -7.63
N GLN A 14 -4.68 24.14 -6.92
CA GLN A 14 -5.19 25.48 -6.64
C GLN A 14 -5.45 26.24 -7.94
N THR A 15 -6.39 27.18 -7.90
CA THR A 15 -6.71 28.00 -9.06
C THR A 15 -5.56 28.95 -9.40
N VAL A 16 -5.05 29.65 -8.40
CA VAL A 16 -3.94 30.58 -8.60
C VAL A 16 -2.80 30.26 -7.63
N CYS A 17 -1.57 30.54 -8.07
CA CYS A 17 -0.38 30.23 -7.28
C CYS A 17 -0.19 28.72 -7.22
N GLY A 18 -0.96 28.01 -8.04
CA GLY A 18 -0.94 26.56 -8.05
C GLY A 18 0.06 25.99 -9.04
N ARG A 19 -0.19 24.75 -9.45
CA ARG A 19 0.73 24.06 -10.35
C ARG A 19 0.44 24.34 -11.83
N GLY A 20 -0.65 25.05 -12.12
CA GLY A 20 -0.97 25.41 -13.50
C GLY A 20 -1.61 24.30 -14.34
N GLU A 21 -2.21 23.31 -13.68
CA GLU A 21 -2.76 22.18 -14.42
C GLU A 21 -3.93 22.59 -15.31
N ARG A 22 -4.81 23.48 -14.82
CA ARG A 22 -5.97 23.88 -15.62
C ARG A 22 -5.50 24.57 -16.90
N LEU A 23 -4.53 25.47 -16.75
CA LEU A 23 -3.97 26.18 -17.90
C LEU A 23 -3.30 25.19 -18.86
N ALA A 24 -2.54 24.24 -18.33
CA ALA A 24 -1.84 23.27 -19.19
C ALA A 24 -2.84 22.49 -20.03
N LEU A 25 -3.95 22.09 -19.41
CA LEU A 25 -4.97 21.37 -20.14
C LEU A 25 -5.53 22.23 -21.29
N ALA A 26 -5.74 23.52 -21.03
CA ALA A 26 -6.29 24.40 -22.06
C ALA A 26 -5.29 24.61 -23.18
N LEU A 27 -4.01 24.68 -22.83
CA LEU A 27 -2.96 24.83 -23.84
C LEU A 27 -2.89 23.62 -24.76
N ALA A 28 -3.02 22.41 -24.20
CA ALA A 28 -2.98 21.18 -25.00
C ALA A 28 -4.16 21.19 -25.97
N ARG A 29 -5.34 21.52 -25.46
CA ARG A 29 -6.55 21.54 -26.27
C ARG A 29 -6.45 22.58 -27.40
N GLU A 30 -5.92 23.76 -27.09
CA GLU A 30 -5.77 24.83 -28.08
C GLU A 30 -4.78 24.44 -29.17
N GLN A 31 -3.67 23.82 -28.76
N GLN A 31 -3.69 23.81 -28.77
CA GLN A 31 -2.65 23.38 -29.71
CA GLN A 31 -2.66 23.40 -29.73
C GLN A 31 -3.19 22.32 -30.67
C GLN A 31 -3.18 22.32 -30.67
N ILE A 32 -3.93 21.36 -30.13
CA ILE A 32 -4.45 20.27 -30.95
C ILE A 32 -5.55 20.77 -31.88
N ASN A 33 -6.44 21.61 -31.35
CA ASN A 33 -7.55 22.12 -32.14
C ASN A 33 -7.07 23.10 -33.20
N GLY A 34 -5.88 23.66 -32.97
CA GLY A 34 -5.32 24.66 -33.87
C GLY A 34 -4.69 24.08 -35.12
N ILE A 35 -4.38 22.79 -35.11
CA ILE A 35 -3.84 22.14 -36.30
C ILE A 35 -4.90 22.08 -37.38
N ILE A 36 -4.53 22.52 -38.59
CA ILE A 36 -5.47 22.65 -39.68
C ILE A 36 -5.54 21.36 -40.48
N GLU A 37 -6.70 20.72 -40.48
CA GLU A 37 -6.87 19.46 -41.18
C GLU A 37 -8.12 19.46 -42.05
N VAL A 38 -7.99 18.87 -43.23
CA VAL A 38 -9.11 18.74 -44.16
C VAL A 38 -9.22 17.29 -44.63
N PRO A 39 -10.35 16.64 -44.33
CA PRO A 39 -11.50 17.21 -43.62
C PRO A 39 -11.17 17.57 -42.17
N ALA A 40 -11.86 18.57 -41.64
CA ALA A 40 -11.67 18.98 -40.24
C ALA A 40 -12.05 17.83 -39.32
N LYS A 41 -11.13 17.47 -38.43
CA LYS A 41 -11.38 16.40 -37.47
C LYS A 41 -12.24 16.89 -36.31
N ALA A 42 -12.74 15.95 -35.51
CA ALA A 42 -13.55 16.30 -34.36
C ALA A 42 -12.77 17.19 -33.40
N ARG A 43 -13.45 18.19 -32.84
CA ARG A 43 -12.83 19.12 -31.90
C ARG A 43 -12.60 18.43 -30.54
N VAL A 44 -11.46 18.72 -29.92
CA VAL A 44 -11.12 18.17 -28.62
C VAL A 44 -11.71 19.04 -27.51
N GLU A 45 -12.35 18.42 -26.51
CA GLU A 45 -12.89 19.15 -25.37
C GLU A 45 -12.34 18.51 -24.11
N VAL A 46 -12.06 19.34 -23.10
CA VAL A 46 -11.64 18.83 -21.81
C VAL A 46 -12.53 19.45 -20.73
N ASP A 47 -13.43 18.63 -20.19
CA ASP A 47 -14.27 19.04 -19.06
C ASP A 47 -13.46 18.95 -17.79
N ILE A 48 -13.45 20.03 -17.01
CA ILE A 48 -12.60 20.07 -15.83
C ILE A 48 -13.43 20.10 -14.55
N PHE A 49 -13.09 19.20 -13.63
CA PHE A 49 -13.73 19.10 -12.33
C PHE A 49 -12.69 19.28 -11.24
N GLU A 50 -12.99 20.12 -10.25
CA GLU A 50 -12.03 20.33 -9.16
C GLU A 50 -12.44 19.61 -7.89
N LEU A 51 -11.48 18.98 -7.22
CA LEU A 51 -11.71 18.31 -5.93
C LEU A 51 -11.38 19.24 -4.79
N GLN A 52 -12.31 19.44 -3.87
CA GLN A 52 -12.03 20.21 -2.67
C GLN A 52 -11.42 19.32 -1.58
N ARG A 53 -11.35 18.01 -1.84
CA ARG A 53 -10.67 17.10 -0.91
C ARG A 53 -10.54 15.62 -1.33
N ASP A 54 -9.53 15.00 -0.76
CA ASP A 54 -9.12 13.63 -1.10
C ASP A 54 -9.96 12.61 -0.36
N SER A 55 -11.16 12.35 -0.87
CA SER A 55 -12.15 11.56 -0.14
C SER A 55 -12.93 10.73 -1.13
N GLN A 56 -13.12 9.45 -0.84
CA GLN A 56 -13.90 8.62 -1.73
C GLN A 56 -15.23 9.29 -1.97
N TYR A 57 -15.83 9.91 -0.94
CA TYR A 57 -17.20 10.39 -1.10
C TYR A 57 -17.26 11.51 -2.14
N GLU A 58 -16.39 12.51 -1.98
CA GLU A 58 -16.35 13.61 -2.93
C GLU A 58 -15.92 13.10 -4.32
N THR A 59 -14.94 12.22 -4.34
CA THR A 59 -14.40 11.76 -5.62
C THR A 59 -15.47 10.93 -6.36
N THR A 60 -16.24 10.13 -5.61
CA THR A 60 -17.30 9.37 -6.24
C THR A 60 -18.34 10.31 -6.80
N ASP A 61 -18.73 11.32 -6.02
CA ASP A 61 -19.69 12.32 -6.47
C ASP A 61 -19.23 12.96 -7.77
N THR A 62 -17.94 13.25 -7.86
CA THR A 62 -17.36 13.88 -9.05
C THR A 62 -17.49 12.95 -10.25
N MET A 63 -17.12 11.68 -10.06
CA MET A 63 -17.28 10.70 -11.13
C MET A 63 -18.74 10.59 -11.56
N CYS A 64 -19.67 10.74 -10.62
CA CYS A 64 -21.08 10.62 -10.99
C CYS A 64 -21.53 11.79 -11.86
N GLN A 65 -20.90 12.96 -11.69
CA GLN A 65 -21.19 14.10 -12.55
CA GLN A 65 -21.17 14.12 -12.54
C GLN A 65 -20.55 13.92 -13.92
N ILE A 66 -19.41 13.22 -13.95
CA ILE A 66 -18.65 13.03 -15.19
C ILE A 66 -19.31 12.02 -16.13
N LEU A 67 -19.74 10.90 -15.60
CA LEU A 67 -20.19 9.78 -16.46
C LEU A 67 -21.32 10.15 -17.45
N PRO A 68 -22.32 10.96 -17.01
CA PRO A 68 -23.37 11.28 -17.98
C PRO A 68 -22.94 12.20 -19.12
N LYS A 69 -21.72 12.73 -19.07
CA LYS A 69 -21.27 13.70 -20.08
C LYS A 69 -20.69 13.06 -21.33
N GLY A 70 -20.44 11.76 -21.29
CA GLY A 70 -19.95 11.04 -22.46
C GLY A 70 -18.50 11.33 -22.75
N VAL A 71 -17.61 10.75 -21.96
CA VAL A 71 -16.19 11.00 -22.09
C VAL A 71 -15.44 9.76 -22.58
N VAL A 72 -14.27 9.99 -23.18
CA VAL A 72 -13.46 8.89 -23.72
C VAL A 72 -12.32 8.51 -22.79
N SER A 73 -12.09 9.32 -21.75
CA SER A 73 -11.04 9.05 -20.76
C SER A 73 -11.22 10.03 -19.61
N VAL A 74 -10.65 9.69 -18.46
CA VAL A 74 -10.63 10.60 -17.31
C VAL A 74 -9.17 10.76 -16.88
N LEU A 75 -8.72 12.00 -16.71
CA LEU A 75 -7.33 12.30 -16.36
C LEU A 75 -7.22 12.72 -14.88
N GLY A 76 -6.24 12.16 -14.16
CA GLY A 76 -5.93 12.63 -12.82
C GLY A 76 -6.83 12.05 -11.74
N PRO A 77 -6.76 12.63 -10.52
CA PRO A 77 -5.97 13.79 -10.11
C PRO A 77 -4.50 13.45 -9.95
N SER A 78 -3.64 14.46 -9.89
CA SER A 78 -2.20 14.22 -9.91
C SER A 78 -1.58 14.00 -8.54
N SER A 79 -2.21 14.49 -7.48
CA SER A 79 -1.56 14.53 -6.18
C SER A 79 -2.46 14.07 -5.05
N SER A 80 -3.29 13.08 -5.36
CA SER A 80 -4.22 12.52 -4.39
C SER A 80 -4.41 11.03 -4.67
N PRO A 81 -3.45 10.20 -4.22
CA PRO A 81 -3.46 8.78 -4.58
C PRO A 81 -4.75 8.06 -4.19
N ALA A 82 -5.34 8.40 -3.06
CA ALA A 82 -6.59 7.75 -2.63
C ALA A 82 -7.71 8.06 -3.61
N SER A 83 -7.83 9.33 -4.00
CA SER A 83 -8.84 9.73 -4.95
C SER A 83 -8.57 9.13 -6.33
N ALA A 84 -7.30 9.09 -6.72
CA ALA A 84 -6.91 8.45 -7.97
C ALA A 84 -7.34 6.98 -8.00
N SER A 85 -7.22 6.29 -6.87
CA SER A 85 -7.65 4.89 -6.78
CA SER A 85 -7.65 4.89 -6.82
C SER A 85 -9.16 4.79 -6.94
N THR A 86 -9.90 5.73 -6.36
CA THR A 86 -11.35 5.73 -6.50
C THR A 86 -11.75 5.93 -7.95
N VAL A 87 -11.04 6.82 -8.64
CA VAL A 87 -11.32 7.07 -10.05
C VAL A 87 -11.05 5.81 -10.87
N SER A 88 -9.92 5.17 -10.59
CA SER A 88 -9.59 3.90 -11.27
C SER A 88 -10.68 2.86 -11.06
N HIS A 89 -11.25 2.79 -9.85
CA HIS A 89 -12.24 1.77 -9.59
C HIS A 89 -13.47 2.00 -10.47
N ILE A 90 -13.94 3.24 -10.49
CA ILE A 90 -15.15 3.57 -11.21
C ILE A 90 -14.92 3.51 -12.73
N CYS A 91 -13.80 4.06 -13.19
CA CYS A 91 -13.41 3.94 -14.60
C CYS A 91 -13.36 2.48 -15.03
N GLY A 92 -12.78 1.64 -14.19
CA GLY A 92 -12.61 0.24 -14.52
C GLY A 92 -13.95 -0.45 -14.64
N GLU A 93 -14.90 -0.08 -13.79
CA GLU A 93 -16.21 -0.73 -13.81
C GLU A 93 -16.97 -0.35 -15.08
N LYS A 94 -16.78 0.88 -15.54
CA LYS A 94 -17.54 1.40 -16.67
C LYS A 94 -16.76 1.23 -17.98
N GLU A 95 -15.54 0.72 -17.87
CA GLU A 95 -14.64 0.56 -19.00
C GLU A 95 -14.35 1.89 -19.75
N ILE A 96 -14.05 2.92 -18.96
CA ILE A 96 -13.49 4.15 -19.48
C ILE A 96 -12.04 4.24 -19.03
N PRO A 97 -11.09 4.46 -19.95
CA PRO A 97 -9.68 4.54 -19.51
C PRO A 97 -9.43 5.66 -18.48
N HIS A 98 -8.63 5.33 -17.47
CA HIS A 98 -8.13 6.31 -16.53
C HIS A 98 -6.69 6.62 -16.88
N ILE A 99 -6.36 7.90 -17.04
CA ILE A 99 -5.00 8.30 -17.39
C ILE A 99 -4.38 8.92 -16.15
N LYS A 100 -3.41 8.22 -15.56
CA LYS A 100 -2.78 8.67 -14.32
C LYS A 100 -1.56 9.55 -14.60
N VAL A 101 -1.35 10.55 -13.74
CA VAL A 101 -0.28 11.51 -13.94
C VAL A 101 0.47 11.81 -12.64
N GLY A 102 0.31 10.95 -11.63
CA GLY A 102 1.04 11.08 -10.38
C GLY A 102 1.57 9.73 -9.93
N PRO A 103 2.39 9.72 -8.88
CA PRO A 103 3.00 8.50 -8.33
C PRO A 103 1.94 7.46 -8.02
N GLU A 104 2.25 6.20 -8.27
CA GLU A 104 1.30 5.13 -8.02
C GLU A 104 1.07 4.94 -6.54
N GLU A 105 -0.15 4.57 -6.19
CA GLU A 105 -0.44 4.11 -4.84
C GLU A 105 0.50 2.95 -4.53
N THR A 106 1.00 2.94 -3.31
CA THR A 106 1.97 1.95 -2.85
C THR A 106 1.57 1.58 -1.44
N PRO A 107 1.17 0.32 -1.21
CA PRO A 107 1.15 -0.81 -2.15
C PRO A 107 0.10 -0.65 -3.24
N ARG A 108 0.32 -1.31 -4.38
CA ARG A 108 -0.61 -1.27 -5.49
C ARG A 108 -1.86 -2.12 -5.23
N LEU A 109 -3.03 -1.61 -5.62
CA LEU A 109 -4.26 -2.40 -5.65
C LEU A 109 -4.33 -3.23 -6.95
N GLN A 110 -4.10 -4.53 -6.84
CA GLN A 110 -3.88 -5.36 -8.02
C GLN A 110 -5.06 -5.40 -9.00
N TYR A 111 -6.29 -5.48 -8.49
CA TYR A 111 -7.44 -5.64 -9.36
C TYR A 111 -7.69 -4.42 -10.25
N LEU A 112 -7.05 -3.30 -9.94
CA LEU A 112 -7.25 -2.07 -10.68
C LEU A 112 -6.14 -1.77 -11.68
N ARG A 113 -5.14 -2.65 -11.78
CA ARG A 113 -3.98 -2.37 -12.67
C ARG A 113 -4.40 -2.15 -14.13
N PHE A 114 -5.36 -2.95 -14.58
CA PHE A 114 -5.83 -2.92 -15.96
C PHE A 114 -6.59 -1.64 -16.33
N ALA A 115 -7.04 -0.89 -15.33
CA ALA A 115 -7.96 0.22 -15.58
C ALA A 115 -7.29 1.50 -16.11
N SER A 116 -5.96 1.58 -16.01
CA SER A 116 -5.26 2.85 -16.27
C SER A 116 -3.97 2.67 -17.06
N VAL A 117 -3.47 3.77 -17.61
CA VAL A 117 -2.07 3.86 -18.01
C VAL A 117 -1.50 5.00 -17.18
N SER A 118 -0.20 5.02 -16.95
CA SER A 118 0.38 6.10 -16.14
C SER A 118 1.53 6.78 -16.83
N LEU A 119 1.54 8.11 -16.79
CA LEU A 119 2.63 8.86 -17.40
C LEU A 119 3.74 9.17 -16.40
N TYR A 120 3.52 8.85 -15.12
CA TYR A 120 4.53 9.12 -14.10
C TYR A 120 5.43 7.89 -13.95
N PRO A 121 6.74 8.09 -13.77
CA PRO A 121 7.65 6.94 -13.65
C PRO A 121 7.25 5.93 -12.58
N SER A 122 7.37 4.65 -12.92
CA SER A 122 7.09 3.60 -11.95
C SER A 122 8.02 3.68 -10.72
N ASN A 123 7.60 3.10 -9.60
CA ASN A 123 8.50 2.97 -8.47
C ASN A 123 9.80 2.26 -8.83
N GLU A 124 9.71 1.20 -9.65
CA GLU A 124 10.89 0.44 -10.03
C GLU A 124 11.88 1.35 -10.75
N ASP A 125 11.35 2.18 -11.64
CA ASP A 125 12.21 3.11 -12.37
C ASP A 125 12.87 4.16 -11.46
N VAL A 126 12.11 4.72 -10.53
CA VAL A 126 12.70 5.65 -9.59
C VAL A 126 13.83 4.98 -8.81
N SER A 127 13.60 3.76 -8.34
CA SER A 127 14.62 3.01 -7.62
CA SER A 127 14.62 3.04 -7.60
C SER A 127 15.87 2.81 -8.47
N LEU A 128 15.65 2.47 -9.74
CA LEU A 128 16.79 2.19 -10.63
C LEU A 128 17.57 3.47 -10.91
N ALA A 129 16.87 4.59 -11.00
CA ALA A 129 17.53 5.86 -11.31
C ALA A 129 18.37 6.30 -10.10
N VAL A 130 17.80 6.11 -8.90
CA VAL A 130 18.56 6.39 -7.69
C VAL A 130 19.79 5.51 -7.64
N SER A 131 19.60 4.24 -7.96
CA SER A 131 20.70 3.27 -7.95
C SER A 131 21.80 3.67 -8.95
N ARG A 132 21.41 4.25 -10.07
CA ARG A 132 22.38 4.74 -11.06
C ARG A 132 23.23 5.87 -10.48
N ILE A 133 22.62 6.75 -9.70
CA ILE A 133 23.40 7.80 -9.06
C ILE A 133 24.34 7.17 -8.04
N LEU A 134 23.86 6.18 -7.30
CA LEU A 134 24.71 5.52 -6.30
C LEU A 134 25.92 4.85 -6.96
N LYS A 135 25.69 4.28 -8.14
CA LYS A 135 26.78 3.70 -8.91
C LYS A 135 27.86 4.76 -9.17
N SER A 136 27.45 5.98 -9.46
CA SER A 136 28.40 7.05 -9.77
C SER A 136 29.15 7.52 -8.52
N PHE A 137 28.62 7.22 -7.34
CA PHE A 137 29.33 7.48 -6.08
C PHE A 137 30.11 6.25 -5.66
N ASN A 138 30.30 5.31 -6.58
CA ASN A 138 31.03 4.09 -6.27
C ASN A 138 30.35 3.21 -5.20
N TYR A 139 29.02 3.17 -5.21
CA TYR A 139 28.23 2.28 -4.36
C TYR A 139 28.54 2.44 -2.86
N PRO A 140 28.27 3.63 -2.32
CA PRO A 140 28.54 3.89 -0.90
C PRO A 140 27.44 3.40 0.03
N SER A 141 27.74 3.37 1.32
N SER A 141 27.74 3.40 1.32
CA SER A 141 26.71 3.25 2.35
CA SER A 141 26.71 3.27 2.36
C SER A 141 25.90 4.54 2.34
C SER A 141 25.88 4.55 2.32
N ALA A 142 24.67 4.49 2.85
CA ALA A 142 23.78 5.64 2.80
C ALA A 142 22.78 5.68 3.94
N SER A 143 22.13 6.82 4.07
CA SER A 143 21.00 7.00 4.98
C SER A 143 19.79 7.32 4.12
N LEU A 144 18.64 6.76 4.47
CA LEU A 144 17.41 7.01 3.74
C LEU A 144 16.43 7.75 4.64
N ILE A 145 15.98 8.93 4.23
CA ILE A 145 14.94 9.66 4.95
C ILE A 145 13.62 9.52 4.20
N CYS A 146 12.61 8.96 4.87
CA CYS A 146 11.32 8.67 4.24
C CYS A 146 10.23 9.53 4.83
N ALA A 147 9.39 10.11 3.97
CA ALA A 147 8.24 10.88 4.40
C ALA A 147 7.12 9.94 4.84
N LYS A 148 7.06 8.76 4.23
CA LYS A 148 5.97 7.81 4.50
C LYS A 148 6.50 6.39 4.76
N ALA A 149 5.76 5.64 5.58
CA ALA A 149 6.20 4.31 6.00
C ALA A 149 6.38 3.34 4.82
N GLU A 150 5.86 3.73 3.66
CA GLU A 150 5.87 2.87 2.47
C GLU A 150 7.12 3.00 1.58
N CYS A 151 8.13 3.76 2.01
CA CYS A 151 9.31 3.99 1.18
C CYS A 151 10.10 2.73 0.90
N LEU A 152 10.14 1.80 1.85
CA LEU A 152 10.86 0.53 1.64
C LEU A 152 10.26 -0.26 0.48
N LEU A 153 8.95 -0.15 0.31
CA LEU A 153 8.26 -0.80 -0.80
C LEU A 153 8.49 -0.01 -2.09
N ARG A 154 8.38 1.32 -2.03
CA ARG A 154 8.61 2.14 -3.21
C ARG A 154 10.02 1.91 -3.77
N LEU A 155 10.99 1.78 -2.87
CA LEU A 155 12.38 1.61 -3.26
C LEU A 155 12.82 0.15 -3.09
N GLU A 156 11.91 -0.79 -3.35
CA GLU A 156 12.17 -2.23 -3.17
C GLU A 156 13.48 -2.72 -3.82
N GLU A 157 13.71 -2.37 -5.08
CA GLU A 157 14.93 -2.78 -5.79
C GLU A 157 16.19 -2.29 -5.09
N LEU A 158 16.15 -1.04 -4.66
CA LEU A 158 17.31 -0.42 -4.03
C LEU A 158 17.55 -1.10 -2.68
N VAL A 159 16.47 -1.37 -1.94
CA VAL A 159 16.56 -2.00 -0.64
C VAL A 159 17.11 -3.42 -0.76
N ARG A 160 16.63 -4.18 -1.72
CA ARG A 160 17.11 -5.55 -1.91
CA ARG A 160 17.11 -5.55 -1.90
C ARG A 160 18.59 -5.54 -2.28
N GLY A 161 18.99 -4.51 -3.04
CA GLY A 161 20.39 -4.32 -3.39
C GLY A 161 21.26 -4.10 -2.17
N PHE A 162 20.81 -3.23 -1.27
CA PHE A 162 21.57 -2.96 -0.06
C PHE A 162 21.55 -4.20 0.83
N LEU A 163 20.49 -4.98 0.78
CA LEU A 163 20.41 -6.16 1.66
C LEU A 163 21.46 -7.22 1.39
N ILE A 164 21.97 -7.31 0.15
CA ILE A 164 22.99 -8.30 -0.16
C ILE A 164 24.37 -7.67 -0.33
N SER A 165 24.45 -6.35 -0.21
CA SER A 165 25.69 -5.61 -0.42
C SER A 165 26.52 -5.54 0.86
N LYS A 166 27.79 -5.20 0.74
CA LYS A 166 28.62 -4.99 1.92
C LYS A 166 28.31 -3.61 2.55
N GLU A 167 27.71 -2.72 1.77
CA GLU A 167 27.38 -1.37 2.24
C GLU A 167 26.09 -1.36 3.07
N THR A 168 25.96 -0.42 4.00
CA THR A 168 24.78 -0.37 4.87
C THR A 168 23.79 0.73 4.47
N LEU A 169 22.54 0.59 4.92
CA LEU A 169 21.50 1.60 4.69
C LEU A 169 20.73 1.81 5.99
N SER A 170 20.80 3.01 6.55
CA SER A 170 20.01 3.31 7.74
C SER A 170 18.73 3.98 7.29
N VAL A 171 17.61 3.58 7.88
CA VAL A 171 16.32 4.07 7.43
C VAL A 171 15.65 4.86 8.55
N ARG A 172 15.19 6.07 8.22
CA ARG A 172 14.53 6.91 9.22
C ARG A 172 13.26 7.54 8.64
N MET A 173 12.16 7.41 9.37
CA MET A 173 10.88 7.91 8.88
C MET A 173 10.59 9.23 9.56
N LEU A 174 10.01 10.16 8.80
CA LEU A 174 9.62 11.46 9.35
C LEU A 174 8.34 11.32 10.16
N ASP A 175 8.26 12.06 11.26
CA ASP A 175 7.05 12.09 12.08
C ASP A 175 6.10 13.14 11.55
N ASP A 176 4.93 12.70 11.09
CA ASP A 176 3.92 13.60 10.51
C ASP A 176 3.84 14.92 11.28
N ARG A 178 6.91 17.76 11.58
CA ARG A 178 7.24 19.01 10.92
C ARG A 178 8.64 19.49 11.28
N ASP A 179 9.42 18.62 11.92
CA ASP A 179 10.82 18.92 12.22
C ASP A 179 11.70 17.68 12.07
N PRO A 180 12.34 17.54 10.90
CA PRO A 180 13.35 16.52 10.64
C PRO A 180 14.69 16.77 11.34
N THR A 181 14.79 17.81 12.16
CA THR A 181 16.06 18.14 12.78
C THR A 181 16.64 17.01 13.63
N PRO A 182 15.83 16.42 14.54
CA PRO A 182 16.35 15.35 15.39
C PRO A 182 16.88 14.19 14.55
N LEU A 183 16.11 13.89 13.52
CA LEU A 183 16.44 12.83 12.58
C LEU A 183 17.77 13.15 11.89
N LEU A 184 17.93 14.38 11.43
CA LEU A 184 19.16 14.80 10.75
C LEU A 184 20.38 14.79 11.67
N LYS A 185 20.17 15.12 12.94
CA LYS A 185 21.28 15.11 13.89
C LYS A 185 21.79 13.69 14.07
N GLU A 186 20.87 12.72 14.07
CA GLU A 186 21.24 11.32 14.16
C GLU A 186 22.11 10.93 12.97
N ILE A 187 21.68 11.31 11.77
CA ILE A 187 22.45 11.01 10.56
C ILE A 187 23.82 11.67 10.64
N ARG A 188 23.88 12.88 11.18
CA ARG A 188 25.14 13.62 11.27
C ARG A 188 26.14 12.85 12.13
N ASP A 189 25.65 12.24 13.21
CA ASP A 189 26.51 11.50 14.11
C ASP A 189 27.01 10.19 13.50
N ASP A 190 26.28 9.66 12.53
CA ASP A 190 26.68 8.42 11.85
C ASP A 190 27.87 8.64 10.92
N LYS A 191 28.13 9.89 10.58
CA LYS A 191 29.24 10.24 9.68
C LYS A 191 29.17 9.48 8.36
N VAL A 192 27.96 9.32 7.82
CA VAL A 192 27.80 8.77 6.49
C VAL A 192 27.40 9.90 5.55
N SER A 193 28.05 9.96 4.39
CA SER A 193 27.92 11.11 3.48
C SER A 193 26.62 11.13 2.69
N THR A 194 26.19 9.97 2.20
CA THR A 194 25.12 9.91 1.22
C THR A 194 23.75 9.83 1.89
N ILE A 195 22.87 10.76 1.52
CA ILE A 195 21.53 10.85 2.12
C ILE A 195 20.49 10.83 1.02
N ILE A 196 19.60 9.83 1.03
CA ILE A 196 18.55 9.75 0.03
C ILE A 196 17.28 10.26 0.68
N ILE A 197 16.61 11.22 0.04
CA ILE A 197 15.35 11.76 0.55
C ILE A 197 14.19 11.32 -0.32
N ASP A 198 13.29 10.53 0.26
CA ASP A 198 12.10 10.08 -0.49
C ASP A 198 10.90 10.82 0.08
N ALA A 199 10.51 11.90 -0.58
CA ALA A 199 9.45 12.76 -0.10
C ALA A 199 8.96 13.63 -1.24
N ASN A 200 7.80 14.28 -1.07
CA ASN A 200 7.33 15.22 -2.09
C ASN A 200 8.16 16.50 -2.07
N ALA A 201 7.82 17.44 -2.94
CA ALA A 201 8.66 18.61 -3.14
C ALA A 201 8.78 19.46 -1.87
N SER A 202 7.65 19.71 -1.21
CA SER A 202 7.67 20.64 -0.07
C SER A 202 8.38 20.03 1.14
N ILE A 203 8.21 18.72 1.34
CA ILE A 203 8.89 18.06 2.44
C ILE A 203 10.40 17.90 2.13
N SER A 204 10.73 17.62 0.88
CA SER A 204 12.15 17.60 0.50
C SER A 204 12.81 18.95 0.79
N HIS A 205 12.10 20.04 0.48
CA HIS A 205 12.64 21.37 0.71
C HIS A 205 12.85 21.58 2.20
N LEU A 206 11.85 21.20 3.00
CA LEU A 206 11.96 21.31 4.45
C LEU A 206 13.16 20.54 4.97
N VAL A 207 13.37 19.30 4.51
CA VAL A 207 14.50 18.51 4.98
C VAL A 207 15.83 19.19 4.61
N LEU A 208 15.93 19.70 3.38
CA LEU A 208 17.18 20.32 2.94
C LEU A 208 17.44 21.63 3.70
N ARG A 209 16.38 22.36 4.00
CA ARG A 209 16.51 23.60 4.76
C ARG A 209 16.98 23.35 6.18
N LYS A 210 16.37 22.38 6.85
CA LYS A 210 16.78 22.03 8.20
C LYS A 210 18.19 21.42 8.19
N ALA A 211 18.53 20.71 7.10
CA ALA A 211 19.87 20.16 6.99
C ALA A 211 20.85 21.31 6.89
N SER A 212 20.51 22.31 6.08
CA SER A 212 21.38 23.45 5.84
C SER A 212 21.60 24.25 7.13
N GLU A 213 20.58 24.31 7.97
CA GLU A 213 20.67 25.02 9.24
C GLU A 213 21.52 24.26 10.26
N LEU A 214 21.76 22.98 9.97
CA LEU A 214 22.66 22.15 10.77
C LEU A 214 24.06 22.12 10.15
N GLY A 215 24.28 22.93 9.11
CA GLY A 215 25.55 22.91 8.39
C GLY A 215 25.77 21.64 7.59
N MET A 216 24.69 20.96 7.21
CA MET A 216 24.80 19.67 6.52
C MET A 216 24.66 19.73 5.00
N THR A 217 24.79 20.91 4.41
CA THR A 217 24.78 21.01 2.96
C THR A 217 26.17 21.41 2.46
N SER A 218 27.17 21.16 3.30
CA SER A 218 28.55 21.37 2.92
C SER A 218 28.99 20.21 2.01
N ALA A 219 30.24 20.27 1.54
CA ALA A 219 30.73 19.34 0.52
C ALA A 219 30.73 17.87 0.96
N PHE A 220 30.88 17.61 2.26
CA PHE A 220 30.94 16.24 2.74
C PHE A 220 29.70 15.46 2.33
N TYR A 221 28.53 16.09 2.42
CA TYR A 221 27.26 15.39 2.22
C TYR A 221 26.81 15.35 0.77
N LYS A 222 26.23 14.22 0.37
CA LYS A 222 25.68 14.04 -0.98
C LYS A 222 24.22 13.61 -0.88
N TYR A 223 23.31 14.44 -1.37
CA TYR A 223 21.87 14.19 -1.31
C TYR A 223 21.34 13.71 -2.65
N ILE A 224 20.46 12.72 -2.61
CA ILE A 224 19.76 12.26 -3.79
C ILE A 224 18.28 12.33 -3.50
N LEU A 225 17.54 13.11 -4.29
CA LEU A 225 16.11 13.29 -4.08
C LEU A 225 15.32 12.41 -5.05
N THR A 226 14.23 11.81 -4.59
CA THR A 226 13.41 10.98 -5.48
C THR A 226 12.32 11.79 -6.19
N THR A 227 12.04 12.99 -5.72
CA THR A 227 10.90 13.75 -6.27
C THR A 227 11.17 14.13 -7.72
N MET A 228 10.18 13.91 -8.58
CA MET A 228 10.32 14.30 -9.98
C MET A 228 10.09 15.80 -10.18
N ASP A 229 9.74 16.51 -9.11
CA ASP A 229 9.60 17.96 -9.17
C ASP A 229 10.87 18.67 -8.70
N PHE A 230 11.98 17.94 -8.70
CA PHE A 230 13.29 18.49 -8.33
C PHE A 230 13.59 19.85 -8.97
N PRO A 231 13.23 20.05 -10.26
CA PRO A 231 13.58 21.34 -10.88
C PRO A 231 12.93 22.56 -10.26
N ILE A 232 11.75 22.43 -9.65
CA ILE A 232 11.07 23.60 -9.09
C ILE A 232 11.51 23.88 -7.66
N LEU A 233 12.38 23.03 -7.11
CA LEU A 233 12.90 23.25 -5.77
C LEU A 233 13.84 24.42 -5.80
N HIS A 234 13.47 25.49 -5.13
CA HIS A 234 14.35 26.64 -5.08
C HIS A 234 14.97 26.78 -3.70
N LEU A 235 16.28 26.60 -3.69
CA LEU A 235 17.04 26.43 -2.47
C LEU A 235 17.97 27.62 -2.33
N ASP A 236 17.44 28.80 -2.65
CA ASP A 236 18.19 30.04 -2.51
C ASP A 236 18.53 30.25 -1.04
N GLY A 237 19.82 30.32 -0.72
CA GLY A 237 20.26 30.49 0.66
C GLY A 237 20.49 29.16 1.36
N ILE A 238 20.25 28.06 0.64
CA ILE A 238 20.45 26.71 1.17
C ILE A 238 21.61 26.03 0.43
N VAL A 239 21.61 26.16 -0.89
CA VAL A 239 22.66 25.56 -1.72
C VAL A 239 23.83 26.51 -1.88
N GLU A 240 25.04 25.96 -1.81
CA GLU A 240 26.26 26.73 -2.04
C GLU A 240 27.03 26.06 -3.18
N ASP A 241 28.06 26.73 -3.67
CA ASP A 241 28.82 26.17 -4.78
C ASP A 241 29.32 24.79 -4.44
N SER A 242 29.55 24.56 -3.15
CA SER A 242 30.17 23.31 -2.69
C SER A 242 29.17 22.22 -2.34
N SER A 243 27.88 22.53 -2.32
CA SER A 243 26.85 21.52 -2.01
C SER A 243 26.78 20.44 -3.08
N ASN A 244 26.31 19.26 -2.69
CA ASN A 244 26.04 18.17 -3.61
C ASN A 244 24.58 17.74 -3.45
N ILE A 245 23.70 18.34 -4.24
CA ILE A 245 22.27 18.01 -4.14
C ILE A 245 21.80 17.59 -5.52
N LEU A 246 21.45 16.31 -5.65
CA LEU A 246 21.18 15.70 -6.95
C LEU A 246 19.74 15.22 -7.02
N GLY A 247 19.19 15.22 -8.24
CA GLY A 247 17.83 14.77 -8.44
C GLY A 247 17.56 14.64 -9.92
N PHE A 248 16.27 14.56 -10.30
CA PHE A 248 15.90 14.21 -11.66
C PHE A 248 14.94 15.21 -12.30
N SER A 249 14.94 15.23 -13.62
CA SER A 249 13.97 16.00 -14.39
C SER A 249 13.44 15.15 -15.53
N MET A 250 12.13 15.17 -15.74
CA MET A 250 11.51 14.53 -16.92
C MET A 250 11.44 15.45 -18.12
N PHE A 251 11.60 16.76 -17.90
CA PHE A 251 11.32 17.71 -18.95
C PHE A 251 12.26 17.60 -20.15
N ASN A 252 11.67 17.63 -21.34
CA ASN A 252 12.45 17.82 -22.54
C ASN A 252 12.42 19.29 -22.95
N THR A 253 13.45 20.03 -22.56
CA THR A 253 13.46 21.46 -22.82
C THR A 253 13.68 21.77 -24.30
N SER A 254 13.99 20.73 -25.09
CA SER A 254 14.06 20.86 -26.54
C SER A 254 12.73 20.58 -27.25
N HIS A 255 11.70 20.17 -26.51
CA HIS A 255 10.39 20.02 -27.13
C HIS A 255 10.00 21.39 -27.70
N PRO A 256 9.43 21.43 -28.91
CA PRO A 256 9.23 22.72 -29.57
C PRO A 256 8.25 23.62 -28.82
N PHE A 257 7.37 23.06 -28.01
CA PHE A 257 6.40 23.87 -27.28
C PHE A 257 6.90 24.22 -25.87
N TYR A 258 8.03 23.66 -25.46
CA TYR A 258 8.47 23.90 -24.07
C TYR A 258 8.63 25.37 -23.69
N PRO A 259 9.33 26.16 -24.53
CA PRO A 259 9.45 27.58 -24.15
C PRO A 259 8.11 28.30 -23.99
N GLU A 260 7.16 28.01 -24.87
CA GLU A 260 5.86 28.68 -24.79
C GLU A 260 5.07 28.19 -23.58
N PHE A 261 5.18 26.90 -23.29
CA PHE A 261 4.51 26.31 -22.13
C PHE A 261 4.98 27.05 -20.88
N VAL A 262 6.29 27.17 -20.72
CA VAL A 262 6.84 27.83 -19.54
C VAL A 262 6.42 29.30 -19.49
N ARG A 263 6.47 30.00 -20.62
CA ARG A 263 6.13 31.40 -20.63
C ARG A 263 4.66 31.63 -20.31
N SER A 264 3.80 30.76 -20.81
CA SER A 264 2.36 30.86 -20.57
C SER A 264 2.06 30.64 -19.10
N LEU A 265 2.69 29.64 -18.50
CA LEU A 265 2.46 29.37 -17.08
C LEU A 265 3.05 30.49 -16.24
N ASN A 266 4.15 31.09 -16.72
CA ASN A 266 4.77 32.22 -16.04
C ASN A 266 3.85 33.42 -16.06
N MET A 267 3.31 33.73 -17.23
CA MET A 267 2.45 34.90 -17.40
C MET A 267 1.23 34.83 -16.50
N SER A 268 0.67 33.63 -16.40
CA SER A 268 -0.45 33.39 -15.52
C SER A 268 -0.04 33.72 -14.08
N TRP A 269 1.16 33.29 -13.72
CA TRP A 269 1.68 33.48 -12.37
C TRP A 269 1.92 34.97 -12.06
N ARG A 270 2.51 35.69 -13.01
CA ARG A 270 2.84 37.09 -12.77
C ARG A 270 1.60 37.97 -12.89
N GLU A 271 0.47 37.36 -13.26
CA GLU A 271 -0.82 38.04 -13.27
C GLU A 271 -1.54 37.85 -11.94
N ASN A 272 -1.38 36.67 -11.34
CA ASN A 272 -2.25 36.23 -10.26
C ASN A 272 -1.55 35.98 -8.93
N CYS A 273 -0.23 36.15 -8.90
N CYS A 273 -0.24 36.13 -8.88
CA CYS A 273 0.57 35.79 -7.73
CA CYS A 273 0.53 35.82 -7.68
C CYS A 273 1.69 36.81 -7.49
C CYS A 273 1.67 36.80 -7.48
N GLU A 274 1.32 38.08 -7.39
CA GLU A 274 2.30 39.14 -7.22
C GLU A 274 3.17 38.95 -5.96
N ALA A 275 2.79 38.01 -5.11
CA ALA A 275 3.54 37.73 -3.89
C ALA A 275 4.77 36.87 -4.17
N SER A 276 4.55 35.70 -4.76
CA SER A 276 5.62 34.73 -4.94
C SER A 276 6.38 34.91 -6.25
N THR A 277 7.47 34.18 -6.39
CA THR A 277 8.26 34.17 -7.61
C THR A 277 8.06 32.84 -8.35
N TYR A 278 7.67 32.92 -9.61
CA TYR A 278 7.39 31.72 -10.40
C TYR A 278 8.62 30.81 -10.41
N PRO A 279 8.45 29.55 -9.97
CA PRO A 279 9.59 28.64 -9.85
C PRO A 279 9.91 27.84 -11.10
N GLY A 280 9.12 28.02 -12.16
CA GLY A 280 9.23 27.17 -13.33
C GLY A 280 8.06 26.21 -13.35
N PRO A 281 7.94 25.44 -14.43
CA PRO A 281 6.75 24.60 -14.63
C PRO A 281 6.69 23.39 -13.70
N ALA A 282 5.54 23.14 -13.10
CA ALA A 282 5.35 21.91 -12.34
C ALA A 282 5.26 20.71 -13.27
N LEU A 283 5.85 19.59 -12.85
CA LEU A 283 5.82 18.40 -13.67
C LEU A 283 4.38 17.94 -13.91
N SER A 284 3.51 18.05 -12.91
CA SER A 284 2.16 17.51 -13.07
C SER A 284 1.42 18.26 -14.15
N ALA A 285 1.72 19.55 -14.32
CA ALA A 285 1.10 20.33 -15.39
C ALA A 285 1.55 19.81 -16.75
N ALA A 286 2.84 19.54 -16.89
CA ALA A 286 3.38 18.97 -18.14
C ALA A 286 2.82 17.58 -18.41
N LEU A 287 2.61 16.79 -17.36
CA LEU A 287 2.05 15.45 -17.52
C LEU A 287 0.60 15.55 -17.98
N MET A 288 -0.15 16.49 -17.43
CA MET A 288 -1.52 16.71 -17.89
C MET A 288 -1.59 17.11 -19.37
N PHE A 289 -0.69 18.01 -19.78
CA PHE A 289 -0.58 18.41 -21.19
C PHE A 289 -0.33 17.18 -22.07
N ASP A 290 0.66 16.38 -21.70
CA ASP A 290 1.01 15.20 -22.49
C ASP A 290 -0.13 14.19 -22.47
N ALA A 291 -0.85 14.09 -21.35
CA ALA A 291 -1.96 13.14 -21.24
C ALA A 291 -3.05 13.44 -22.28
N VAL A 292 -3.35 14.73 -22.49
CA VAL A 292 -4.35 15.10 -23.49
C VAL A 292 -3.92 14.62 -24.87
N HIS A 293 -2.66 14.88 -25.23
CA HIS A 293 -2.12 14.38 -26.50
C HIS A 293 -2.19 12.85 -26.65
N VAL A 294 -1.91 12.13 -25.56
CA VAL A 294 -1.90 10.67 -25.59
C VAL A 294 -3.32 10.16 -25.85
N VAL A 295 -4.30 10.72 -25.15
CA VAL A 295 -5.70 10.35 -25.35
C VAL A 295 -6.17 10.65 -26.78
N VAL A 296 -5.91 11.86 -27.26
CA VAL A 296 -6.32 12.22 -28.62
C VAL A 296 -5.67 11.29 -29.65
N SER A 297 -4.39 11.01 -29.48
CA SER A 297 -3.67 10.13 -30.41
C SER A 297 -4.32 8.74 -30.49
N ALA A 298 -4.54 8.12 -29.33
CA ALA A 298 -5.15 6.80 -29.26
C ALA A 298 -6.58 6.80 -29.78
N VAL A 299 -7.38 7.80 -29.43
CA VAL A 299 -8.76 7.84 -29.89
C VAL A 299 -8.87 8.00 -31.41
N ARG A 300 -8.03 8.86 -32.00
N ARG A 300 -8.01 8.85 -31.98
CA ARG A 300 -8.08 9.05 -33.44
CA ARG A 300 -8.03 9.06 -33.43
C ARG A 300 -7.64 7.79 -34.18
C ARG A 300 -7.62 7.80 -34.18
N GLU A 301 -6.72 7.03 -33.60
CA GLU A 301 -6.27 5.79 -34.22
C GLU A 301 -7.36 4.73 -34.11
N LEU A 302 -7.97 4.60 -32.93
CA LEU A 302 -9.08 3.66 -32.75
C LEU A 302 -10.18 4.00 -33.75
N ASN A 303 -10.39 5.29 -33.94
CA ASN A 303 -11.48 5.82 -34.74
C ASN A 303 -11.28 5.74 -36.25
N ARG A 304 -10.08 5.34 -36.69
CA ARG A 304 -9.81 5.25 -38.12
C ARG A 304 -10.41 3.99 -38.73
N SER A 305 -10.76 3.04 -37.87
CA SER A 305 -11.37 1.80 -38.32
C SER A 305 -12.81 1.66 -37.81
N GLN A 306 -13.03 2.01 -36.55
CA GLN A 306 -14.35 1.92 -35.93
C GLN A 306 -14.98 3.28 -35.77
N GLU A 307 -16.30 3.34 -35.89
CA GLU A 307 -17.04 4.56 -35.60
C GLU A 307 -17.28 4.60 -34.09
N ILE A 308 -16.55 5.47 -33.41
CA ILE A 308 -16.62 5.56 -31.95
C ILE A 308 -17.82 6.38 -31.50
N GLY A 309 -18.71 5.75 -30.77
CA GLY A 309 -19.87 6.42 -30.20
C GLY A 309 -19.65 6.69 -28.73
N VAL A 310 -20.23 7.78 -28.23
CA VAL A 310 -20.13 8.12 -26.83
C VAL A 310 -21.51 8.43 -26.28
N LYS A 311 -21.99 7.58 -25.38
CA LYS A 311 -23.29 7.78 -24.77
C LYS A 311 -23.14 8.10 -23.29
N PRO A 312 -24.12 8.80 -22.71
CA PRO A 312 -24.06 9.01 -21.27
C PRO A 312 -24.08 7.69 -20.52
N LEU A 313 -23.26 7.58 -19.48
CA LEU A 313 -23.32 6.47 -18.56
C LEU A 313 -23.72 7.03 -17.19
N ALA A 314 -23.81 6.17 -16.19
CA ALA A 314 -24.17 6.61 -14.84
C ALA A 314 -23.51 5.72 -13.80
N CYS A 315 -23.20 6.29 -12.65
CA CYS A 315 -22.69 5.53 -11.51
C CYS A 315 -23.60 4.36 -11.15
N THR A 316 -24.91 4.61 -11.19
CA THR A 316 -25.89 3.64 -10.71
C THR A 316 -26.34 2.67 -11.79
N SER A 317 -25.69 2.71 -12.95
CA SER A 317 -26.04 1.81 -14.04
C SER A 317 -24.87 0.89 -14.36
N ALA A 318 -25.18 -0.35 -14.72
CA ALA A 318 -24.14 -1.34 -14.99
C ALA A 318 -23.61 -1.21 -16.42
N ASN A 319 -24.16 -0.26 -17.17
CA ASN A 319 -23.74 -0.09 -18.57
C ASN A 319 -22.26 0.26 -18.63
N ILE A 320 -21.58 -0.28 -19.64
CA ILE A 320 -20.18 0.05 -19.88
C ILE A 320 -20.06 0.79 -21.20
N TRP A 321 -18.94 1.49 -21.40
CA TRP A 321 -18.64 2.07 -22.68
C TRP A 321 -18.07 0.97 -23.56
N PRO A 322 -18.72 0.67 -24.69
CA PRO A 322 -18.31 -0.49 -25.49
C PRO A 322 -16.93 -0.39 -26.14
N HIS A 323 -16.36 0.81 -26.23
CA HIS A 323 -15.06 0.96 -26.88
C HIS A 323 -13.90 1.10 -25.91
N GLY A 324 -14.20 1.13 -24.61
CA GLY A 324 -13.18 1.43 -23.62
C GLY A 324 -12.04 0.42 -23.54
N THR A 325 -12.38 -0.86 -23.54
CA THR A 325 -11.37 -1.89 -23.41
C THR A 325 -10.46 -1.84 -24.64
N SER A 326 -11.05 -1.64 -25.82
CA SER A 326 -10.28 -1.51 -27.04
CA SER A 326 -10.26 -1.53 -27.03
C SER A 326 -9.38 -0.27 -26.97
N LEU A 327 -9.92 0.83 -26.45
CA LEU A 327 -9.13 2.04 -26.38
C LEU A 327 -7.91 1.85 -25.49
N MET A 328 -8.01 1.01 -24.46
CA MET A 328 -6.85 0.77 -23.61
C MET A 328 -5.72 0.16 -24.44
N ASN A 329 -6.06 -0.76 -25.35
CA ASN A 329 -5.04 -1.38 -26.18
C ASN A 329 -4.34 -0.31 -27.04
N TYR A 330 -5.13 0.62 -27.58
CA TYR A 330 -4.55 1.69 -28.42
C TYR A 330 -3.72 2.67 -27.57
N LEU A 331 -4.21 2.98 -26.38
CA LEU A 331 -3.47 3.87 -25.49
C LEU A 331 -2.10 3.29 -25.20
N ARG A 332 -2.06 2.00 -24.89
CA ARG A 332 -0.81 1.34 -24.55
C ARG A 332 0.16 1.30 -25.72
N MET A 333 -0.34 1.51 -26.94
CA MET A 333 0.51 1.51 -28.13
C MET A 333 0.91 2.90 -28.66
N VAL A 334 0.49 3.96 -27.98
CA VAL A 334 0.84 5.33 -28.35
C VAL A 334 2.36 5.57 -28.27
N GLU A 335 2.88 6.31 -29.24
CA GLU A 335 4.24 6.82 -29.17
C GLU A 335 4.10 8.30 -29.41
N TYR A 336 4.50 9.09 -28.44
CA TYR A 336 4.29 10.52 -28.52
C TYR A 336 5.49 11.24 -27.92
N ASP A 337 5.99 12.25 -28.62
CA ASP A 337 7.10 13.04 -28.09
C ASP A 337 6.55 14.26 -27.35
N GLY A 338 6.61 14.20 -26.03
CA GLY A 338 5.96 15.22 -25.20
C GLY A 338 6.88 16.13 -24.41
N LEU A 339 6.27 17.03 -23.62
CA LEU A 339 7.03 17.88 -22.74
C LEU A 339 7.84 17.09 -21.72
N THR A 340 7.38 15.87 -21.41
CA THR A 340 8.05 15.03 -20.43
C THR A 340 8.89 13.94 -21.11
N GLY A 341 9.30 14.21 -22.34
CA GLY A 341 10.11 13.29 -23.10
C GLY A 341 9.29 12.33 -23.92
N ARG A 342 9.90 11.21 -24.29
CA ARG A 342 9.22 10.20 -25.06
C ARG A 342 8.17 9.50 -24.19
N VAL A 343 6.93 9.48 -24.67
CA VAL A 343 5.84 8.81 -23.97
C VAL A 343 5.44 7.55 -24.73
N GLU A 344 5.74 6.42 -24.13
CA GLU A 344 5.42 5.10 -24.66
C GLU A 344 5.10 4.23 -23.46
N PHE A 345 4.38 3.13 -23.70
CA PHE A 345 3.96 2.29 -22.57
C PHE A 345 4.32 0.82 -22.79
N ASN A 346 4.54 0.12 -21.68
CA ASN A 346 4.70 -1.33 -21.73
C ASN A 346 3.34 -2.01 -21.53
N SER A 347 3.33 -3.33 -21.49
CA SER A 347 2.06 -4.05 -21.47
C SER A 347 1.30 -3.84 -20.17
N LYS A 348 1.99 -3.34 -19.15
CA LYS A 348 1.37 -3.03 -17.86
C LYS A 348 0.86 -1.59 -17.76
N GLY A 349 1.00 -0.83 -18.85
CA GLY A 349 0.58 0.57 -18.84
C GLY A 349 1.56 1.51 -18.15
N GLN A 350 2.82 1.09 -17.97
CA GLN A 350 3.84 1.97 -17.37
C GLN A 350 4.69 2.62 -18.45
N ARG A 351 5.18 3.83 -18.17
CA ARG A 351 6.11 4.51 -19.10
C ARG A 351 7.30 3.60 -19.40
N THR A 352 7.68 3.56 -20.67
CA THR A 352 8.84 2.79 -21.08
C THR A 352 9.60 3.55 -22.18
N ASN A 353 10.84 3.13 -22.45
CA ASN A 353 11.67 3.72 -23.50
C ASN A 353 11.80 5.24 -23.36
N TYR A 354 12.09 5.72 -22.14
CA TYR A 354 12.24 7.15 -21.90
C TYR A 354 13.50 7.40 -21.10
N THR A 355 13.77 8.67 -20.79
CA THR A 355 14.96 9.04 -20.07
C THR A 355 14.61 10.00 -18.94
N LEU A 356 15.51 10.09 -17.98
CA LEU A 356 15.43 11.08 -16.91
C LEU A 356 16.76 11.80 -16.93
N ARG A 357 16.72 13.13 -16.87
CA ARG A 357 17.97 13.87 -16.75
C ARG A 357 18.37 13.87 -15.28
N ILE A 358 19.66 13.69 -15.03
CA ILE A 358 20.20 13.77 -13.69
C ILE A 358 20.79 15.15 -13.52
N LEU A 359 20.29 15.91 -12.54
CA LEU A 359 20.71 17.29 -12.34
C LEU A 359 21.36 17.49 -10.97
N GLU A 360 22.18 18.53 -10.89
CA GLU A 360 22.75 18.96 -9.61
C GLU A 360 22.33 20.41 -9.33
N LYS A 361 22.00 20.73 -8.09
CA LYS A 361 21.63 22.09 -7.75
C LYS A 361 22.86 22.97 -7.74
N SER A 362 22.70 24.20 -8.20
CA SER A 362 23.73 25.22 -8.10
C SER A 362 23.06 26.52 -7.65
N ARG A 363 23.86 27.53 -7.38
CA ARG A 363 23.31 28.84 -7.04
C ARG A 363 22.59 29.44 -8.24
N GLN A 364 23.04 29.08 -9.44
CA GLN A 364 22.46 29.60 -10.67
C GLN A 364 21.26 28.77 -11.10
N GLY A 365 20.77 27.93 -10.18
CA GLY A 365 19.66 27.05 -10.46
C GLY A 365 20.08 25.60 -10.34
N HIS A 366 20.32 24.96 -11.49
CA HIS A 366 20.88 23.62 -11.51
C HIS A 366 21.58 23.36 -12.83
N ARG A 367 22.36 22.29 -12.85
CA ARG A 367 23.19 21.91 -13.98
C ARG A 367 22.93 20.43 -14.31
N GLU A 368 22.83 20.08 -15.58
CA GLU A 368 22.60 18.68 -15.95
C GLU A 368 23.91 17.93 -15.96
N ILE A 369 23.99 16.81 -15.23
CA ILE A 369 25.24 16.07 -15.11
C ILE A 369 25.19 14.65 -15.69
N GLY A 370 24.02 14.22 -16.14
CA GLY A 370 23.92 12.90 -16.74
C GLY A 370 22.52 12.55 -17.21
N VAL A 371 22.35 11.31 -17.67
CA VAL A 371 21.04 10.84 -18.08
C VAL A 371 20.85 9.40 -17.61
N TRP A 372 19.63 9.07 -17.21
CA TRP A 372 19.27 7.70 -16.88
C TRP A 372 18.36 7.19 -17.99
N TYR A 373 18.71 6.05 -18.59
CA TYR A 373 17.87 5.45 -19.63
C TYR A 373 17.04 4.32 -19.06
N SER A 374 15.73 4.41 -19.25
CA SER A 374 14.81 3.43 -18.69
C SER A 374 15.08 2.03 -19.24
N ASN A 375 15.47 1.94 -20.51
CA ASN A 375 15.71 0.64 -21.14
C ASN A 375 17.13 0.13 -20.92
N ARG A 376 18.11 1.04 -20.84
CA ARG A 376 19.51 0.65 -20.65
C ARG A 376 19.88 0.69 -19.18
N LEU B 2 -28.45 0.19 25.69
CA LEU B 2 -28.47 -0.83 24.64
C LEU B 2 -29.55 -1.86 24.92
N SER B 3 -30.43 -2.07 23.94
CA SER B 3 -31.40 -3.14 24.00
C SER B 3 -30.67 -4.44 23.70
N SER B 4 -29.86 -4.39 22.64
CA SER B 4 -28.96 -5.48 22.31
C SER B 4 -27.55 -4.93 22.14
N LEU B 5 -26.56 -5.79 22.33
CA LEU B 5 -25.16 -5.40 22.20
C LEU B 5 -24.74 -5.85 20.80
N ARG B 6 -24.90 -4.96 19.83
CA ARG B 6 -24.69 -5.30 18.41
C ARG B 6 -23.33 -4.85 17.89
N MET B 7 -22.60 -5.76 17.24
CA MET B 7 -21.36 -5.41 16.56
C MET B 7 -21.45 -5.99 15.15
N ALA B 8 -20.57 -5.52 14.25
CA ALA B 8 -20.58 -6.03 12.89
C ALA B 8 -19.26 -6.74 12.65
N ALA B 9 -19.30 -7.74 11.76
CA ALA B 9 -18.09 -8.43 11.33
C ALA B 9 -18.09 -8.45 9.81
N ILE B 10 -16.95 -8.11 9.23
CA ILE B 10 -16.76 -8.15 7.78
C ILE B 10 -15.91 -9.39 7.49
N LEU B 11 -16.41 -10.27 6.64
CA LEU B 11 -15.74 -11.53 6.38
C LEU B 11 -15.33 -11.66 4.93
N ASP B 12 -14.08 -12.05 4.72
CA ASP B 12 -13.58 -12.33 3.38
C ASP B 12 -13.34 -13.83 3.24
N ASP B 13 -13.90 -14.59 4.18
CA ASP B 13 -13.73 -16.04 4.26
C ASP B 13 -14.68 -16.76 3.30
N GLN B 14 -14.24 -17.87 2.70
CA GLN B 14 -15.17 -18.64 1.89
C GLN B 14 -16.03 -19.52 2.80
N THR B 15 -17.28 -19.75 2.41
CA THR B 15 -18.19 -20.54 3.23
C THR B 15 -17.87 -22.03 3.19
N VAL B 16 -17.39 -22.50 2.04
CA VAL B 16 -17.08 -23.92 1.86
C VAL B 16 -15.56 -24.14 1.85
N CYS B 17 -15.08 -25.02 2.73
CA CYS B 17 -13.66 -25.29 2.83
C CYS B 17 -12.91 -24.04 3.29
N GLY B 18 -13.61 -23.15 4.00
CA GLY B 18 -13.00 -21.92 4.49
C GLY B 18 -12.46 -22.05 5.90
N ARG B 19 -12.15 -20.91 6.51
CA ARG B 19 -11.50 -20.87 7.82
C ARG B 19 -12.49 -20.93 8.98
N GLY B 20 -13.78 -20.98 8.68
CA GLY B 20 -14.80 -21.10 9.70
C GLY B 20 -14.99 -19.87 10.58
N GLU B 21 -14.68 -18.69 10.04
CA GLU B 21 -14.85 -17.47 10.84
C GLU B 21 -16.31 -17.24 11.20
N ARG B 22 -17.22 -17.56 10.29
CA ARG B 22 -18.65 -17.33 10.54
C ARG B 22 -19.14 -18.19 11.70
N LEU B 23 -18.70 -19.44 11.75
CA LEU B 23 -19.07 -20.33 12.83
C LEU B 23 -18.40 -19.92 14.12
N ALA B 24 -17.16 -19.46 14.07
CA ALA B 24 -16.47 -19.01 15.29
C ALA B 24 -17.22 -17.85 15.92
N LEU B 25 -17.70 -16.91 15.09
CA LEU B 25 -18.46 -15.78 15.62
C LEU B 25 -19.75 -16.29 16.28
N ALA B 26 -20.42 -17.22 15.62
CA ALA B 26 -21.66 -17.78 16.14
C ALA B 26 -21.40 -18.53 17.45
N LEU B 27 -20.28 -19.25 17.55
CA LEU B 27 -19.95 -19.97 18.78
C LEU B 27 -19.72 -19.01 19.95
N ALA B 28 -19.00 -17.91 19.70
CA ALA B 28 -18.76 -16.93 20.76
C ALA B 28 -20.08 -16.31 21.22
N ARG B 29 -20.92 -15.95 20.25
CA ARG B 29 -22.21 -15.34 20.56
CA ARG B 29 -22.23 -15.35 20.54
C ARG B 29 -23.07 -16.27 21.40
N GLU B 30 -23.16 -17.53 20.99
CA GLU B 30 -23.99 -18.51 21.70
C GLU B 30 -23.46 -18.73 23.12
N GLN B 31 -22.14 -18.76 23.25
CA GLN B 31 -21.54 -19.02 24.54
C GLN B 31 -21.82 -17.87 25.50
N ILE B 32 -21.65 -16.64 25.04
CA ILE B 32 -21.86 -15.47 25.87
C ILE B 32 -23.34 -15.31 26.24
N ASN B 33 -24.21 -15.52 25.26
CA ASN B 33 -25.65 -15.38 25.48
C ASN B 33 -26.21 -16.48 26.35
N GLY B 34 -25.60 -17.65 26.28
CA GLY B 34 -26.08 -18.81 27.02
C GLY B 34 -25.84 -18.68 28.51
N ILE B 35 -24.88 -17.85 28.88
CA ILE B 35 -24.60 -17.61 30.29
C ILE B 35 -25.84 -17.09 31.00
N LYS B 41 -30.26 -9.60 30.89
CA LYS B 41 -29.37 -8.59 30.31
C LYS B 41 -29.59 -8.47 28.82
N ALA B 42 -28.73 -7.71 28.15
CA ALA B 42 -28.84 -7.49 26.71
C ALA B 42 -28.13 -8.59 25.93
N ARG B 43 -28.79 -9.13 24.91
N ARG B 43 -28.77 -9.03 24.85
CA ARG B 43 -28.19 -10.21 24.15
CA ARG B 43 -28.30 -10.14 24.02
C ARG B 43 -27.18 -9.63 23.16
C ARG B 43 -27.26 -9.68 22.98
N VAL B 44 -26.17 -10.43 22.86
CA VAL B 44 -25.11 -10.08 21.94
C VAL B 44 -25.58 -10.46 20.53
N GLU B 45 -25.40 -9.54 19.58
CA GLU B 45 -25.70 -9.83 18.19
C GLU B 45 -24.46 -9.52 17.36
N VAL B 46 -24.20 -10.37 16.38
CA VAL B 46 -23.12 -10.09 15.44
C VAL B 46 -23.68 -10.09 14.04
N ASP B 47 -23.77 -8.91 13.43
CA ASP B 47 -24.20 -8.77 12.04
C ASP B 47 -23.03 -9.06 11.11
N ILE B 48 -23.21 -9.95 10.16
CA ILE B 48 -22.11 -10.36 9.27
C ILE B 48 -22.27 -9.80 7.86
N PHE B 49 -21.17 -9.26 7.33
CA PHE B 49 -21.17 -8.68 6.00
C PHE B 49 -20.03 -9.31 5.21
N GLU B 50 -20.31 -9.71 3.97
CA GLU B 50 -19.32 -10.39 3.17
C GLU B 50 -18.60 -9.45 2.21
N LEU B 51 -17.30 -9.66 2.05
CA LEU B 51 -16.49 -8.96 1.07
C LEU B 51 -16.12 -9.96 -0.02
N GLN B 52 -16.41 -9.61 -1.27
CA GLN B 52 -16.13 -10.51 -2.39
C GLN B 52 -14.65 -10.48 -2.78
N ARG B 53 -13.99 -9.35 -2.52
CA ARG B 53 -12.59 -9.18 -2.88
C ARG B 53 -11.98 -8.01 -2.11
N ASP B 54 -10.66 -7.87 -2.19
CA ASP B 54 -9.96 -6.82 -1.43
C ASP B 54 -10.05 -5.51 -2.19
N SER B 55 -11.12 -4.77 -1.95
CA SER B 55 -11.40 -3.53 -2.65
C SER B 55 -11.79 -2.47 -1.64
N GLN B 56 -11.05 -1.37 -1.60
CA GLN B 56 -11.35 -0.28 -0.68
C GLN B 56 -12.67 0.39 -1.05
N TYR B 57 -12.95 0.48 -2.35
CA TYR B 57 -14.17 1.11 -2.81
C TYR B 57 -15.36 0.29 -2.35
N GLU B 58 -15.29 -1.02 -2.51
CA GLU B 58 -16.40 -1.87 -2.09
C GLU B 58 -16.50 -1.99 -0.58
N THR B 59 -15.37 -1.91 0.12
CA THR B 59 -15.39 -1.90 1.59
C THR B 59 -16.10 -0.64 2.11
N THR B 60 -15.95 0.45 1.38
CA THR B 60 -16.60 1.69 1.78
C THR B 60 -18.11 1.51 1.65
N ASP B 61 -18.55 0.88 0.57
CA ASP B 61 -19.97 0.60 0.42
C ASP B 61 -20.49 -0.26 1.57
N THR B 62 -19.68 -1.22 2.02
CA THR B 62 -20.07 -2.11 3.12
C THR B 62 -20.18 -1.35 4.44
N MET B 63 -19.22 -0.47 4.69
CA MET B 63 -19.26 0.37 5.90
C MET B 63 -20.51 1.26 5.91
N CYS B 64 -20.89 1.77 4.74
CA CYS B 64 -22.08 2.61 4.65
C CYS B 64 -23.38 1.82 4.92
N GLN B 65 -23.34 0.50 4.71
CA GLN B 65 -24.46 -0.36 5.10
C GLN B 65 -24.46 -0.68 6.59
N ILE B 66 -23.27 -0.78 7.18
CA ILE B 66 -23.10 -1.17 8.58
C ILE B 66 -23.49 -0.07 9.58
N LEU B 67 -23.04 1.14 9.32
CA LEU B 67 -23.15 2.21 10.30
C LEU B 67 -24.59 2.55 10.69
N PRO B 68 -25.53 2.51 9.73
CA PRO B 68 -26.94 2.79 10.02
C PRO B 68 -27.59 1.75 10.95
N LYS B 69 -26.95 0.60 11.14
CA LYS B 69 -27.51 -0.47 11.97
C LYS B 69 -27.31 -0.23 13.47
N GLY B 70 -26.45 0.72 13.82
CA GLY B 70 -26.14 1.00 15.21
C GLY B 70 -25.30 -0.08 15.86
N VAL B 71 -23.98 0.02 15.68
CA VAL B 71 -23.06 -1.00 16.19
C VAL B 71 -22.07 -0.40 17.18
N VAL B 72 -21.53 -1.23 18.07
CA VAL B 72 -20.54 -0.78 19.05
C VAL B 72 -19.09 -1.04 18.62
N SER B 73 -18.91 -1.84 17.57
CA SER B 73 -17.58 -2.15 17.05
C SER B 73 -17.71 -2.79 15.68
N VAL B 74 -16.63 -2.75 14.89
CA VAL B 74 -16.57 -3.50 13.65
C VAL B 74 -15.36 -4.43 13.70
N LEU B 75 -15.57 -5.71 13.37
CA LEU B 75 -14.52 -6.74 13.41
C LEU B 75 -14.06 -7.11 12.00
N GLY B 76 -12.75 -7.18 11.79
CA GLY B 76 -12.23 -7.73 10.53
C GLY B 76 -12.18 -6.69 9.42
N PRO B 77 -11.97 -7.13 8.17
CA PRO B 77 -11.75 -8.52 7.77
C PRO B 77 -10.36 -9.02 8.14
N SER B 78 -10.17 -10.34 8.08
CA SER B 78 -8.94 -10.96 8.56
C SER B 78 -7.83 -11.07 7.52
N SER B 79 -8.17 -11.01 6.24
CA SER B 79 -7.22 -11.41 5.18
C SER B 79 -7.31 -10.51 3.95
N SER B 80 -7.66 -9.25 4.18
CA SER B 80 -7.82 -8.27 3.10
C SER B 80 -7.28 -6.92 3.58
N PRO B 81 -5.95 -6.75 3.54
CA PRO B 81 -5.29 -5.62 4.19
C PRO B 81 -5.72 -4.23 3.69
N ALA B 82 -5.88 -4.05 2.38
CA ALA B 82 -6.34 -2.77 1.84
C ALA B 82 -7.71 -2.44 2.43
N SER B 83 -8.60 -3.42 2.41
CA SER B 83 -9.96 -3.25 2.92
C SER B 83 -9.95 -2.96 4.41
N ALA B 84 -9.12 -3.67 5.16
CA ALA B 84 -9.04 -3.43 6.60
C ALA B 84 -8.54 -2.01 6.89
N SER B 85 -7.65 -1.48 6.07
CA SER B 85 -7.18 -0.11 6.26
C SER B 85 -8.33 0.86 6.04
N THR B 86 -9.19 0.58 5.06
CA THR B 86 -10.37 1.41 4.84
C THR B 86 -11.34 1.36 6.02
N VAL B 87 -11.55 0.17 6.58
CA VAL B 87 -12.41 0.05 7.74
C VAL B 87 -11.87 0.90 8.89
N SER B 88 -10.55 0.83 9.10
CA SER B 88 -9.93 1.61 10.19
C SER B 88 -10.15 3.10 10.00
N HIS B 89 -10.02 3.54 8.77
CA HIS B 89 -10.16 4.96 8.45
C HIS B 89 -11.56 5.44 8.77
N ILE B 90 -12.55 4.71 8.27
CA ILE B 90 -13.94 5.09 8.43
C ILE B 90 -14.36 4.95 9.90
N CYS B 91 -13.90 3.90 10.57
CA CYS B 91 -14.20 3.72 11.99
C CYS B 91 -13.64 4.89 12.78
N GLY B 92 -12.42 5.32 12.42
CA GLY B 92 -11.77 6.41 13.10
C GLY B 92 -12.55 7.71 12.96
N GLU B 93 -13.06 7.94 11.76
CA GLU B 93 -13.83 9.15 11.48
C GLU B 93 -15.17 9.14 12.23
N LYS B 94 -15.73 7.95 12.44
CA LYS B 94 -17.02 7.82 13.13
C LYS B 94 -16.87 7.59 14.63
N GLU B 95 -15.62 7.41 15.09
CA GLU B 95 -15.32 7.03 16.46
C GLU B 95 -16.10 5.77 16.89
N ILE B 96 -16.05 4.75 16.02
CA ILE B 96 -16.50 3.41 16.35
C ILE B 96 -15.27 2.51 16.33
N PRO B 97 -15.05 1.74 17.40
CA PRO B 97 -13.84 0.89 17.43
C PRO B 97 -13.75 -0.11 16.28
N HIS B 98 -12.57 -0.20 15.68
CA HIS B 98 -12.21 -1.27 14.77
C HIS B 98 -11.43 -2.30 15.52
N ILE B 99 -11.91 -3.55 15.48
CA ILE B 99 -11.22 -4.65 16.12
C ILE B 99 -10.56 -5.47 15.03
N LYS B 100 -9.24 -5.36 14.91
CA LYS B 100 -8.52 -6.06 13.83
C LYS B 100 -8.12 -7.47 14.23
N VAL B 101 -8.13 -8.38 13.26
CA VAL B 101 -7.84 -9.79 13.51
C VAL B 101 -6.94 -10.39 12.42
N GLY B 102 -6.24 -9.51 11.69
CA GLY B 102 -5.30 -9.96 10.67
C GLY B 102 -4.15 -8.99 10.60
N PRO B 103 -3.07 -9.38 9.90
CA PRO B 103 -1.87 -8.54 9.81
C PRO B 103 -2.15 -7.26 9.03
N GLU B 104 -1.59 -6.13 9.47
CA GLU B 104 -1.65 -4.91 8.68
C GLU B 104 -0.50 -4.95 7.69
N GLU B 105 -0.80 -4.91 6.40
CA GLU B 105 0.23 -5.08 5.37
C GLU B 105 0.47 -3.82 4.52
N THR B 106 1.03 -2.76 5.12
CA THR B 106 1.26 -2.68 6.56
C THR B 106 1.35 -1.25 7.09
N PRO B 107 0.84 -0.25 6.34
CA PRO B 107 1.07 1.12 6.83
C PRO B 107 0.78 1.29 8.32
N LEU B 109 -0.10 4.20 9.46
CA LEU B 109 -0.87 5.44 9.51
C LEU B 109 -0.86 6.02 10.93
N GLN B 110 -0.04 7.05 11.13
CA GLN B 110 0.11 7.66 12.45
C GLN B 110 -1.22 8.25 12.96
N TYR B 111 -2.01 8.79 12.04
CA TYR B 111 -3.23 9.51 12.43
C TYR B 111 -4.35 8.58 12.87
N LEU B 112 -4.33 7.33 12.43
CA LEU B 112 -5.34 6.36 12.83
C LEU B 112 -4.93 5.60 14.09
N ARG B 113 -4.18 6.28 14.96
CA ARG B 113 -3.60 5.64 16.14
C ARG B 113 -4.66 5.13 17.13
N PHE B 114 -5.80 5.81 17.20
N PHE B 114 -5.80 5.82 17.20
CA PHE B 114 -6.81 5.48 18.19
CA PHE B 114 -6.83 5.53 18.19
C PHE B 114 -8.13 5.10 17.54
C PHE B 114 -7.95 4.66 17.62
N ALA B 115 -8.05 4.62 16.30
CA ALA B 115 -9.20 4.02 15.61
C ALA B 115 -9.44 2.56 15.94
N SER B 116 -8.38 1.82 16.32
CA SER B 116 -8.49 0.36 16.41
C SER B 116 -7.71 -0.31 17.55
N VAL B 117 -8.07 -1.55 17.86
CA VAL B 117 -7.15 -2.46 18.55
C VAL B 117 -6.94 -3.66 17.64
N SER B 118 -5.84 -4.37 17.81
CA SER B 118 -5.63 -5.57 17.00
C SER B 118 -5.29 -6.78 17.86
N LEU B 119 -5.97 -7.89 17.60
CA LEU B 119 -5.65 -9.14 18.28
C LEU B 119 -4.54 -9.95 17.59
N TYR B 120 -4.14 -9.54 16.38
CA TYR B 120 -3.07 -10.24 15.67
C TYR B 120 -1.73 -9.63 16.11
N PRO B 121 -0.69 -10.45 16.25
CA PRO B 121 0.63 -9.94 16.66
C PRO B 121 1.09 -8.78 15.78
N SER B 122 1.63 -7.73 16.39
CA SER B 122 2.15 -6.61 15.61
C SER B 122 3.24 -7.07 14.67
N ASN B 123 3.45 -6.31 13.61
CA ASN B 123 4.53 -6.58 12.67
C ASN B 123 5.88 -6.58 13.38
N GLU B 124 6.06 -5.62 14.27
CA GLU B 124 7.28 -5.55 15.06
C GLU B 124 7.50 -6.82 15.89
N ASP B 125 6.43 -7.35 16.51
CA ASP B 125 6.61 -8.56 17.30
C ASP B 125 6.98 -9.77 16.44
N VAL B 126 6.35 -9.93 15.28
CA VAL B 126 6.67 -11.03 14.40
C VAL B 126 8.13 -10.90 13.97
N SER B 127 8.56 -9.68 13.66
CA SER B 127 9.96 -9.45 13.29
C SER B 127 10.87 -9.87 14.42
N LEU B 128 10.50 -9.49 15.65
CA LEU B 128 11.32 -9.82 16.82
C LEU B 128 11.35 -11.33 17.08
N ALA B 129 10.23 -12.01 16.85
CA ALA B 129 10.14 -13.45 17.09
C ALA B 129 11.04 -14.17 16.08
N VAL B 130 11.01 -13.74 14.82
CA VAL B 130 11.85 -14.37 13.81
C VAL B 130 13.32 -14.10 14.17
N SER B 131 13.59 -12.89 14.65
CA SER B 131 14.96 -12.52 14.98
C SER B 131 15.47 -13.33 16.17
N ARG B 132 14.58 -13.68 17.08
CA ARG B 132 14.92 -14.54 18.21
C ARG B 132 15.36 -15.91 17.71
N ILE B 133 14.69 -16.42 16.69
CA ILE B 133 15.08 -17.70 16.12
C ILE B 133 16.44 -17.54 15.42
N LEU B 134 16.61 -16.45 14.68
CA LEU B 134 17.89 -16.21 14.01
C LEU B 134 19.02 -16.11 15.03
N LYS B 135 18.72 -15.60 16.21
CA LYS B 135 19.72 -15.49 17.27
C LYS B 135 20.16 -16.89 17.71
N SER B 136 19.22 -17.82 17.78
CA SER B 136 19.53 -19.18 18.16
C SER B 136 20.35 -19.86 17.07
N PHE B 137 20.36 -19.27 15.88
CA PHE B 137 21.14 -19.77 14.76
C PHE B 137 22.47 -19.04 14.66
N ASN B 138 22.79 -18.23 15.68
CA ASN B 138 23.97 -17.38 15.69
C ASN B 138 23.98 -16.31 14.59
N TYR B 139 22.79 -15.77 14.31
CA TYR B 139 22.63 -14.63 13.42
C TYR B 139 23.25 -14.83 12.04
N PRO B 140 22.77 -15.82 11.29
CA PRO B 140 23.37 -16.09 9.99
C PRO B 140 22.82 -15.16 8.92
N SER B 141 23.45 -15.19 7.75
CA SER B 141 22.85 -14.62 6.56
C SER B 141 21.68 -15.53 6.21
N ALA B 142 20.75 -15.03 5.40
CA ALA B 142 19.53 -15.79 5.12
C ALA B 142 18.95 -15.38 3.79
N SER B 143 17.96 -16.15 3.33
CA SER B 143 17.13 -15.77 2.20
C SER B 143 15.71 -15.60 2.71
N LEU B 144 14.96 -14.69 2.10
CA LEU B 144 13.56 -14.49 2.42
C LEU B 144 12.73 -14.70 1.18
N ILE B 145 11.74 -15.59 1.27
CA ILE B 145 10.78 -15.80 0.20
C ILE B 145 9.45 -15.17 0.58
N CYS B 146 8.98 -14.23 -0.23
CA CYS B 146 7.76 -13.48 0.05
C CYS B 146 6.70 -13.80 -0.98
N ALA B 147 5.45 -13.94 -0.55
CA ALA B 147 4.34 -14.04 -1.47
C ALA B 147 4.21 -12.73 -2.26
N LYS B 148 4.37 -11.61 -1.58
CA LYS B 148 4.32 -10.31 -2.25
C LYS B 148 5.28 -9.31 -1.60
N ALA B 149 5.62 -8.25 -2.33
CA ALA B 149 6.65 -7.32 -1.88
C ALA B 149 6.25 -6.56 -0.61
N GLU B 150 4.97 -6.61 -0.24
CA GLU B 150 4.51 -5.96 0.97
C GLU B 150 5.14 -6.62 2.21
N CYS B 151 5.76 -7.78 2.02
CA CYS B 151 6.48 -8.44 3.11
C CYS B 151 7.58 -7.53 3.66
N LEU B 152 8.10 -6.64 2.82
CA LEU B 152 9.16 -5.72 3.24
C LEU B 152 8.61 -4.74 4.26
N LEU B 153 7.33 -4.44 4.16
CA LEU B 153 6.69 -3.53 5.10
C LEU B 153 6.37 -4.27 6.39
N ARG B 154 5.81 -5.47 6.31
CA ARG B 154 5.45 -6.19 7.51
CA ARG B 154 5.45 -6.17 7.52
C ARG B 154 6.68 -6.62 8.30
N LEU B 155 7.74 -7.01 7.59
CA LEU B 155 8.98 -7.42 8.25
C LEU B 155 9.97 -6.23 8.30
N GLU B 156 9.44 -5.02 8.34
CA GLU B 156 10.27 -3.81 8.26
C GLU B 156 11.39 -3.83 9.30
N GLU B 157 11.06 -4.25 10.52
CA GLU B 157 12.04 -4.24 11.59
C GLU B 157 13.17 -5.25 11.31
N LEU B 158 12.81 -6.42 10.78
CA LEU B 158 13.82 -7.42 10.42
C LEU B 158 14.71 -6.90 9.28
N VAL B 159 14.09 -6.27 8.29
CA VAL B 159 14.80 -5.73 7.14
C VAL B 159 15.79 -4.65 7.58
N ARG B 160 15.36 -3.78 8.48
CA ARG B 160 16.24 -2.70 8.95
C ARG B 160 17.46 -3.28 9.65
N GLY B 161 17.24 -4.37 10.39
CA GLY B 161 18.31 -5.04 11.08
C GLY B 161 19.33 -5.59 10.10
N PHE B 162 18.85 -6.22 9.03
CA PHE B 162 19.74 -6.75 8.01
C PHE B 162 20.39 -5.62 7.22
N LEU B 163 19.73 -4.47 7.10
CA LEU B 163 20.32 -3.37 6.32
C LEU B 163 21.58 -2.80 6.99
N ILE B 164 21.70 -3.02 8.30
CA ILE B 164 22.81 -2.48 9.09
C ILE B 164 23.87 -3.53 9.47
N SER B 165 23.52 -4.81 9.39
CA SER B 165 24.38 -5.86 9.91
C SER B 165 25.41 -6.31 8.88
N LYS B 166 26.36 -7.14 9.28
CA LYS B 166 27.31 -7.70 8.32
C LYS B 166 26.67 -8.80 7.48
N GLU B 167 25.67 -9.47 8.06
CA GLU B 167 25.00 -10.58 7.39
C GLU B 167 24.09 -10.07 6.28
N THR B 168 23.92 -10.87 5.23
CA THR B 168 23.09 -10.48 4.11
C THR B 168 21.72 -11.17 4.16
N LEU B 169 20.76 -10.58 3.45
CA LEU B 169 19.43 -11.17 3.32
C LEU B 169 19.03 -11.07 1.86
N SER B 170 18.96 -12.21 1.20
CA SER B 170 18.56 -12.24 -0.21
CA SER B 170 18.56 -12.26 -0.20
C SER B 170 17.05 -12.44 -0.31
N VAL B 171 16.37 -11.45 -0.90
CA VAL B 171 14.91 -11.43 -0.94
C VAL B 171 14.37 -11.78 -2.31
N ARG B 172 13.43 -12.72 -2.35
CA ARG B 172 12.79 -13.11 -3.60
C ARG B 172 11.27 -13.16 -3.45
N MET B 173 10.59 -12.59 -4.45
CA MET B 173 9.13 -12.52 -4.48
C MET B 173 8.57 -13.57 -5.42
N LEU B 174 7.48 -14.21 -5.03
CA LEU B 174 6.76 -15.11 -5.92
C LEU B 174 6.02 -14.29 -6.96
N ASP B 175 5.30 -13.27 -6.47
CA ASP B 175 4.51 -12.38 -7.30
C ASP B 175 4.19 -12.97 -8.67
N SER B 177 3.36 -15.50 -10.67
CA SER B 177 3.76 -16.87 -10.97
C SER B 177 3.24 -17.81 -9.89
N ARG B 178 3.08 -19.08 -10.23
CA ARG B 178 2.53 -20.07 -9.32
C ARG B 178 3.49 -21.24 -9.10
N ASP B 179 4.76 -21.05 -9.42
CA ASP B 179 5.76 -22.08 -9.21
C ASP B 179 7.02 -21.49 -8.57
N PRO B 180 7.28 -21.87 -7.31
CA PRO B 180 8.46 -21.40 -6.57
C PRO B 180 9.75 -22.08 -7.04
N THR B 181 9.62 -23.17 -7.80
CA THR B 181 10.76 -24.00 -8.14
C THR B 181 11.99 -23.22 -8.62
N PRO B 182 11.84 -22.32 -9.59
CA PRO B 182 13.02 -21.60 -10.09
C PRO B 182 13.66 -20.74 -9.02
N LEU B 183 12.82 -20.19 -8.16
CA LEU B 183 13.26 -19.34 -7.07
C LEU B 183 14.08 -20.15 -6.06
N LEU B 184 13.60 -21.34 -5.72
CA LEU B 184 14.29 -22.23 -4.80
C LEU B 184 15.64 -22.66 -5.38
N LYS B 185 15.68 -22.85 -6.69
CA LYS B 185 16.93 -23.23 -7.32
C LYS B 185 18.00 -22.15 -7.14
N GLU B 186 17.59 -20.88 -7.18
CA GLU B 186 18.53 -19.77 -7.01
C GLU B 186 19.05 -19.76 -5.58
N ILE B 187 18.15 -19.97 -4.63
CA ILE B 187 18.56 -20.09 -3.24
C ILE B 187 19.56 -21.23 -3.05
N ARG B 188 19.26 -22.39 -3.64
CA ARG B 188 20.15 -23.53 -3.49
C ARG B 188 21.54 -23.19 -4.01
N ASP B 189 21.59 -22.52 -5.16
CA ASP B 189 22.89 -22.11 -5.72
C ASP B 189 23.65 -21.19 -4.78
N ASP B 190 22.93 -20.37 -4.00
CA ASP B 190 23.58 -19.41 -3.12
C ASP B 190 24.27 -20.08 -1.93
N LYS B 191 23.89 -21.31 -1.63
CA LYS B 191 24.51 -22.07 -0.55
C LYS B 191 24.31 -21.40 0.80
N VAL B 192 23.14 -20.80 1.00
CA VAL B 192 22.77 -20.23 2.30
C VAL B 192 21.76 -21.15 2.98
N SER B 193 22.01 -21.50 4.24
CA SER B 193 21.19 -22.49 4.92
C SER B 193 19.81 -21.98 5.33
N THR B 194 19.73 -20.74 5.81
CA THR B 194 18.51 -20.27 6.47
C THR B 194 17.55 -19.63 5.48
N ILE B 195 16.31 -20.11 5.47
CA ILE B 195 15.30 -19.64 4.54
C ILE B 195 14.05 -19.23 5.34
N ILE B 196 13.70 -17.94 5.25
CA ILE B 196 12.50 -17.42 5.90
C ILE B 196 11.39 -17.38 4.87
N ILE B 197 10.23 -17.96 5.20
CA ILE B 197 9.09 -17.94 4.29
C ILE B 197 7.96 -17.08 4.84
N ASP B 198 7.62 -16.03 4.12
CA ASP B 198 6.54 -15.14 4.54
C ASP B 198 5.37 -15.23 3.57
N ALA B 199 4.37 -16.04 3.93
CA ALA B 199 3.20 -16.24 3.10
C ALA B 199 2.06 -16.87 3.92
N ASN B 200 0.88 -16.96 3.34
CA ASN B 200 -0.22 -17.60 4.04
C ASN B 200 -0.01 -19.11 4.04
N ALA B 201 -0.93 -19.83 4.67
CA ALA B 201 -0.76 -21.26 4.91
C ALA B 201 -0.57 -22.03 3.62
N SER B 202 -1.35 -21.71 2.60
CA SER B 202 -1.35 -22.52 1.38
C SER B 202 -0.13 -22.28 0.50
N ILE B 203 0.33 -21.03 0.43
CA ILE B 203 1.54 -20.73 -0.33
C ILE B 203 2.77 -21.26 0.42
N SER B 204 2.76 -21.16 1.75
CA SER B 204 3.86 -21.69 2.55
C SER B 204 3.98 -23.17 2.28
N HIS B 205 2.84 -23.85 2.21
CA HIS B 205 2.81 -25.28 1.93
C HIS B 205 3.36 -25.54 0.54
N LEU B 206 2.95 -24.73 -0.43
CA LEU B 206 3.40 -24.88 -1.81
C LEU B 206 4.91 -24.73 -1.92
N VAL B 207 5.48 -23.74 -1.23
CA VAL B 207 6.91 -23.52 -1.29
C VAL B 207 7.66 -24.71 -0.72
N LEU B 208 7.19 -25.25 0.40
CA LEU B 208 7.87 -26.35 1.06
C LEU B 208 7.74 -27.62 0.24
N ARG B 209 6.59 -27.80 -0.39
CA ARG B 209 6.37 -28.97 -1.24
C ARG B 209 7.37 -28.98 -2.40
N LYS B 210 7.60 -27.82 -2.99
CA LYS B 210 8.55 -27.72 -4.11
C LYS B 210 10.00 -27.81 -3.64
N ALA B 211 10.29 -27.27 -2.45
CA ALA B 211 11.62 -27.41 -1.87
C ALA B 211 11.91 -28.88 -1.64
N SER B 212 10.90 -29.62 -1.18
CA SER B 212 11.04 -31.03 -0.89
C SER B 212 11.46 -31.79 -2.13
N GLU B 213 10.80 -31.50 -3.25
CA GLU B 213 11.09 -32.15 -4.51
C GLU B 213 12.51 -31.88 -4.99
N LEU B 214 13.07 -30.74 -4.59
CA LEU B 214 14.42 -30.38 -4.99
C LEU B 214 15.46 -30.87 -3.98
N GLY B 215 15.03 -31.67 -3.00
CA GLY B 215 15.92 -32.16 -1.96
C GLY B 215 16.38 -31.09 -0.98
N MET B 216 15.63 -29.99 -0.86
CA MET B 216 16.01 -28.89 0.02
C MET B 216 15.33 -28.90 1.41
N THR B 217 14.75 -30.03 1.79
CA THR B 217 14.23 -30.13 3.16
C THR B 217 15.08 -31.08 3.98
N SER B 218 16.33 -31.26 3.53
CA SER B 218 17.31 -32.04 4.25
C SER B 218 17.90 -31.22 5.39
N ALA B 219 18.82 -31.81 6.14
CA ALA B 219 19.33 -31.21 7.37
C ALA B 219 20.07 -29.90 7.14
N PHE B 220 20.66 -29.71 5.96
CA PHE B 220 21.43 -28.49 5.71
C PHE B 220 20.59 -27.24 5.89
N TYR B 221 19.31 -27.31 5.52
CA TYR B 221 18.48 -26.11 5.49
C TYR B 221 17.68 -25.93 6.76
N LYS B 222 17.44 -24.67 7.09
CA LYS B 222 16.64 -24.31 8.24
C LYS B 222 15.59 -23.32 7.78
N TYR B 223 14.33 -23.67 7.94
CA TYR B 223 13.22 -22.84 7.51
C TYR B 223 12.58 -22.16 8.71
N ILE B 224 12.22 -20.90 8.55
CA ILE B 224 11.43 -20.19 9.55
C ILE B 224 10.21 -19.65 8.84
N LEU B 225 9.02 -20.04 9.27
CA LEU B 225 7.79 -19.56 8.64
C LEU B 225 7.16 -18.48 9.50
N THR B 226 6.62 -17.44 8.88
CA THR B 226 5.95 -16.39 9.65
C THR B 226 4.46 -16.62 9.85
N THR B 227 3.85 -17.53 9.08
CA THR B 227 2.39 -17.72 9.17
C THR B 227 1.96 -18.23 10.53
N MET B 228 0.95 -17.59 11.11
CA MET B 228 0.42 -18.05 12.39
C MET B 228 -0.43 -19.32 12.22
N ASP B 229 -0.62 -19.79 10.99
CA ASP B 229 -1.29 -21.06 10.75
C ASP B 229 -0.32 -22.24 10.61
N PHE B 230 0.90 -22.06 11.10
CA PHE B 230 1.86 -23.16 11.14
C PHE B 230 1.25 -24.47 11.70
N PRO B 231 0.44 -24.40 12.75
CA PRO B 231 -0.10 -25.65 13.31
C PRO B 231 -0.95 -26.47 12.36
N ILE B 232 -1.57 -25.81 11.38
CA ILE B 232 -2.45 -26.53 10.47
C ILE B 232 -1.79 -26.77 9.11
N LEU B 233 -0.48 -26.52 9.03
CA LEU B 233 0.32 -26.95 7.88
C LEU B 233 0.75 -28.39 8.09
N HIS B 234 0.08 -29.31 7.41
CA HIS B 234 0.44 -30.72 7.53
C HIS B 234 1.34 -31.10 6.36
N LEU B 235 2.51 -31.59 6.70
CA LEU B 235 3.60 -31.68 5.73
C LEU B 235 4.12 -33.10 5.58
N ASP B 236 3.23 -34.03 5.25
CA ASP B 236 3.62 -35.40 4.98
C ASP B 236 4.13 -35.51 3.55
N GLY B 237 5.26 -36.20 3.38
CA GLY B 237 5.88 -36.32 2.08
C GLY B 237 6.78 -35.14 1.79
N ILE B 238 6.61 -34.08 2.57
CA ILE B 238 7.44 -32.90 2.45
C ILE B 238 8.47 -32.91 3.59
N VAL B 239 7.97 -33.03 4.81
CA VAL B 239 8.82 -33.09 5.98
C VAL B 239 9.55 -34.43 6.03
N GLU B 240 10.87 -34.35 6.08
CA GLU B 240 11.71 -35.52 6.22
CA GLU B 240 11.71 -35.51 6.22
C GLU B 240 12.19 -35.61 7.66
N ASP B 241 12.67 -36.80 8.05
CA ASP B 241 13.17 -36.98 9.40
C ASP B 241 14.27 -35.96 9.73
N SER B 242 14.96 -35.48 8.69
CA SER B 242 16.09 -34.58 8.91
C SER B 242 15.75 -33.10 8.73
N SER B 243 14.49 -32.79 8.48
CA SER B 243 14.09 -31.39 8.22
C SER B 243 14.20 -30.50 9.45
N ASN B 244 14.55 -29.25 9.20
CA ASN B 244 14.47 -28.21 10.21
C ASN B 244 13.46 -27.16 9.76
N ILE B 245 12.21 -27.29 10.18
CA ILE B 245 11.16 -26.38 9.76
C ILE B 245 10.45 -25.83 11.01
N LEU B 246 10.65 -24.55 11.28
CA LEU B 246 10.19 -23.91 12.50
C LEU B 246 9.11 -22.88 12.20
N GLY B 247 8.19 -22.69 13.14
CA GLY B 247 7.18 -21.67 13.02
C GLY B 247 6.50 -21.43 14.37
N PHE B 248 5.34 -20.80 14.34
CA PHE B 248 4.74 -20.24 15.54
C PHE B 248 3.30 -20.70 15.74
N SER B 249 2.83 -20.68 16.99
CA SER B 249 1.42 -20.87 17.27
C SER B 249 1.03 -19.91 18.38
N MET B 250 -0.13 -19.28 18.21
CA MET B 250 -0.75 -18.42 19.24
C MET B 250 -1.73 -19.19 20.13
N PHE B 251 -2.14 -20.38 19.72
CA PHE B 251 -3.22 -21.07 20.42
C PHE B 251 -2.83 -21.45 21.84
N ASN B 252 -3.79 -21.30 22.75
CA ASN B 252 -3.68 -21.86 24.08
C ASN B 252 -4.55 -23.10 24.12
N THR B 253 -3.94 -24.25 23.85
CA THR B 253 -4.71 -25.48 23.81
C THR B 253 -5.26 -25.87 25.18
N SER B 254 -4.84 -25.15 26.23
CA SER B 254 -5.39 -25.36 27.58
C SER B 254 -6.59 -24.46 27.89
N HIS B 255 -6.93 -23.54 27.00
CA HIS B 255 -8.17 -22.77 27.18
C HIS B 255 -9.32 -23.78 27.25
N PRO B 256 -10.27 -23.60 28.18
CA PRO B 256 -11.34 -24.60 28.39
C PRO B 256 -12.15 -24.92 27.14
N PHE B 257 -12.36 -23.93 26.27
CA PHE B 257 -13.19 -24.12 25.09
C PHE B 257 -12.44 -24.71 23.89
N TYR B 258 -11.13 -24.85 24.00
CA TYR B 258 -10.33 -25.26 22.83
C TYR B 258 -10.81 -26.56 22.15
N PRO B 259 -11.03 -27.63 22.93
CA PRO B 259 -11.43 -28.88 22.25
C PRO B 259 -12.79 -28.74 21.57
N GLU B 260 -13.71 -28.02 22.22
CA GLU B 260 -15.03 -27.84 21.66
C GLU B 260 -14.95 -26.99 20.39
N PHE B 261 -14.06 -26.01 20.38
CA PHE B 261 -13.85 -25.17 19.21
C PHE B 261 -13.32 -26.02 18.05
N VAL B 262 -12.29 -26.80 18.31
CA VAL B 262 -11.73 -27.69 17.28
C VAL B 262 -12.79 -28.61 16.70
N ARG B 263 -13.55 -29.28 17.58
CA ARG B 263 -14.52 -30.25 17.14
C ARG B 263 -15.67 -29.61 16.36
N SER B 264 -16.14 -28.45 16.80
CA SER B 264 -17.23 -27.76 16.13
C SER B 264 -16.86 -27.38 14.69
N LEU B 265 -15.67 -26.82 14.52
CA LEU B 265 -15.22 -26.43 13.18
CA LEU B 265 -15.22 -26.43 13.18
C LEU B 265 -14.95 -27.68 12.32
N ASN B 266 -14.52 -28.76 12.96
CA ASN B 266 -14.33 -30.06 12.30
C ASN B 266 -15.67 -30.55 11.76
N MET B 267 -16.70 -30.56 12.60
CA MET B 267 -18.00 -31.06 12.16
C MET B 267 -18.56 -30.25 11.00
N SER B 268 -18.38 -28.93 11.09
CA SER B 268 -18.88 -28.02 10.06
C SER B 268 -18.15 -28.31 8.75
N TRP B 269 -16.84 -28.49 8.85
CA TRP B 269 -16.04 -28.79 7.67
C TRP B 269 -16.46 -30.13 7.04
N ARG B 270 -16.65 -31.17 7.85
CA ARG B 270 -17.00 -32.49 7.34
C ARG B 270 -18.32 -32.45 6.57
N GLU B 271 -19.22 -31.57 7.01
CA GLU B 271 -20.58 -31.52 6.49
C GLU B 271 -20.69 -30.77 5.16
N ASN B 272 -19.79 -29.82 4.92
CA ASN B 272 -19.90 -28.95 3.76
CA ASN B 272 -19.92 -28.99 3.72
C ASN B 272 -18.72 -29.08 2.78
N CYS B 273 -17.60 -29.64 3.25
CA CYS B 273 -16.39 -29.69 2.45
C CYS B 273 -15.85 -31.12 2.32
N GLU B 274 -16.31 -31.84 1.30
CA GLU B 274 -15.87 -33.21 1.09
C GLU B 274 -14.57 -33.31 0.30
N ALA B 275 -14.22 -32.24 -0.41
CA ALA B 275 -13.06 -32.28 -1.31
C ALA B 275 -11.71 -32.18 -0.61
N SER B 276 -11.68 -31.71 0.63
CA SER B 276 -10.43 -31.50 1.34
C SER B 276 -10.51 -31.99 2.80
N THR B 277 -9.36 -32.20 3.42
CA THR B 277 -9.29 -32.74 4.76
C THR B 277 -9.20 -31.58 5.77
N TYR B 278 -10.07 -31.59 6.78
CA TYR B 278 -10.01 -30.57 7.84
C TYR B 278 -8.65 -30.62 8.50
N PRO B 279 -7.94 -29.49 8.51
CA PRO B 279 -6.59 -29.52 9.06
C PRO B 279 -6.52 -29.10 10.53
N GLY B 280 -7.64 -28.65 11.11
CA GLY B 280 -7.60 -28.02 12.42
C GLY B 280 -8.04 -26.57 12.28
N PRO B 281 -8.15 -25.86 13.41
CA PRO B 281 -8.72 -24.51 13.34
C PRO B 281 -7.72 -23.43 12.85
N ALA B 282 -8.21 -22.55 11.99
CA ALA B 282 -7.43 -21.41 11.49
C ALA B 282 -7.30 -20.38 12.62
N LEU B 283 -6.16 -19.72 12.72
CA LEU B 283 -6.01 -18.74 13.79
C LEU B 283 -7.03 -17.61 13.62
N SER B 284 -7.36 -17.23 12.38
CA SER B 284 -8.25 -16.08 12.21
C SER B 284 -9.64 -16.40 12.78
N ALA B 285 -10.02 -17.67 12.76
CA ALA B 285 -11.30 -18.07 13.37
C ALA B 285 -11.23 -17.89 14.90
N ALA B 286 -10.12 -18.32 15.50
CA ALA B 286 -9.93 -18.14 16.94
C ALA B 286 -9.87 -16.66 17.32
N LEU B 287 -9.22 -15.86 16.48
CA LEU B 287 -9.15 -14.43 16.75
C LEU B 287 -10.54 -13.79 16.66
N MET B 288 -11.37 -14.22 15.72
CA MET B 288 -12.74 -13.71 15.63
C MET B 288 -13.54 -14.04 16.90
N PHE B 289 -13.43 -15.28 17.37
CA PHE B 289 -14.06 -15.73 18.62
C PHE B 289 -13.61 -14.86 19.79
N ASP B 290 -12.30 -14.68 19.93
CA ASP B 290 -11.77 -13.84 21.03
C ASP B 290 -12.22 -12.37 20.90
N ALA B 291 -12.28 -11.86 19.66
CA ALA B 291 -12.68 -10.47 19.42
C ALA B 291 -14.09 -10.22 19.96
N VAL B 292 -14.99 -11.19 19.75
CA VAL B 292 -16.36 -10.98 20.25
C VAL B 292 -16.32 -10.85 21.77
N HIS B 293 -15.54 -11.70 22.42
CA HIS B 293 -15.45 -11.63 23.90
C HIS B 293 -14.82 -10.33 24.40
N VAL B 294 -13.80 -9.87 23.69
CA VAL B 294 -13.10 -8.63 24.06
C VAL B 294 -14.08 -7.45 23.98
N VAL B 295 -14.84 -7.39 22.89
CA VAL B 295 -15.81 -6.30 22.73
C VAL B 295 -16.89 -6.33 23.82
N VAL B 296 -17.45 -7.52 24.08
CA VAL B 296 -18.48 -7.64 25.10
C VAL B 296 -17.94 -7.27 26.48
N SER B 297 -16.73 -7.75 26.79
CA SER B 297 -16.11 -7.41 28.07
C SER B 297 -15.98 -5.90 28.26
N ALA B 298 -15.50 -5.21 27.24
CA ALA B 298 -15.27 -3.77 27.35
C ALA B 298 -16.60 -3.01 27.44
N VAL B 299 -17.59 -3.43 26.66
CA VAL B 299 -18.86 -2.73 26.64
C VAL B 299 -19.57 -2.90 27.98
N ARG B 300 -19.50 -4.10 28.55
CA ARG B 300 -20.18 -4.33 29.81
C ARG B 300 -19.49 -3.55 30.93
N GLU B 301 -18.17 -3.40 30.83
CA GLU B 301 -17.43 -2.60 31.83
C GLU B 301 -17.76 -1.11 31.70
N LEU B 302 -17.75 -0.60 30.48
CA LEU B 302 -18.17 0.78 30.22
C LEU B 302 -19.59 1.04 30.75
N ASN B 303 -20.46 0.03 30.58
CA ASN B 303 -21.87 0.15 30.93
C ASN B 303 -22.08 0.23 32.44
N ARG B 304 -21.05 -0.12 33.21
CA ARG B 304 -21.16 -0.05 34.67
C ARG B 304 -20.95 1.36 35.19
N SER B 305 -20.24 2.20 34.42
CA SER B 305 -19.89 3.54 34.89
C SER B 305 -20.66 4.63 34.15
N GLN B 306 -21.27 4.28 33.03
CA GLN B 306 -22.02 5.26 32.26
C GLN B 306 -23.07 4.62 31.37
N GLU B 307 -23.88 5.46 30.74
CA GLU B 307 -24.99 4.98 29.94
C GLU B 307 -24.59 4.89 28.48
N ILE B 308 -24.67 3.68 27.94
CA ILE B 308 -24.35 3.47 26.54
C ILE B 308 -25.62 3.41 25.71
N GLY B 309 -25.60 4.09 24.58
CA GLY B 309 -26.67 3.99 23.61
C GLY B 309 -26.03 3.90 22.24
N VAL B 310 -26.66 3.16 21.34
CA VAL B 310 -26.18 3.09 19.97
C VAL B 310 -27.13 3.91 19.10
N LYS B 311 -26.59 4.47 18.02
CA LYS B 311 -27.36 5.35 17.16
C LYS B 311 -27.05 5.03 15.72
N PRO B 312 -28.06 5.09 14.83
CA PRO B 312 -27.71 4.99 13.41
C PRO B 312 -26.80 6.14 13.01
N LEU B 313 -25.72 5.80 12.32
CA LEU B 313 -24.82 6.80 11.76
C LEU B 313 -24.77 6.64 10.25
N ALA B 314 -24.53 7.75 9.55
CA ALA B 314 -24.33 7.72 8.11
C ALA B 314 -22.84 7.85 7.86
N CYS B 315 -22.30 7.09 6.89
CA CYS B 315 -20.88 7.14 6.66
C CYS B 315 -20.43 8.53 6.23
N THR B 316 -21.27 9.23 5.47
CA THR B 316 -20.82 10.50 4.87
C THR B 316 -21.11 11.73 5.71
N SER B 317 -21.76 11.56 6.86
CA SER B 317 -22.05 12.70 7.73
C SER B 317 -20.85 13.01 8.61
N ALA B 318 -20.90 14.14 9.31
CA ALA B 318 -19.80 14.51 10.19
C ALA B 318 -20.04 13.97 11.61
N ASN B 319 -21.21 13.38 11.82
CA ASN B 319 -21.58 12.90 13.15
C ASN B 319 -20.70 11.72 13.62
N ILE B 320 -20.46 11.65 14.92
CA ILE B 320 -19.69 10.55 15.51
C ILE B 320 -20.52 9.82 16.55
N TRP B 321 -20.02 8.69 17.00
CA TRP B 321 -20.62 7.98 18.14
C TRP B 321 -20.09 8.61 19.43
N PRO B 322 -20.97 9.26 20.21
CA PRO B 322 -20.48 9.94 21.42
C PRO B 322 -19.73 9.03 22.39
N HIS B 323 -20.02 7.72 22.38
CA HIS B 323 -19.43 6.83 23.37
C HIS B 323 -18.18 6.10 22.86
N GLY B 324 -17.81 6.32 21.60
CA GLY B 324 -16.73 5.57 20.98
C GLY B 324 -15.37 5.78 21.62
N THR B 325 -15.04 7.01 21.97
CA THR B 325 -13.76 7.29 22.61
C THR B 325 -13.68 6.58 23.96
N SER B 326 -14.78 6.61 24.71
CA SER B 326 -14.80 5.95 26.01
C SER B 326 -14.65 4.44 25.84
N LEU B 327 -15.35 3.87 24.87
CA LEU B 327 -15.28 2.42 24.64
C LEU B 327 -13.86 2.02 24.26
N MET B 328 -13.18 2.86 23.50
CA MET B 328 -11.82 2.52 23.09
C MET B 328 -10.92 2.50 24.32
N ASN B 329 -11.16 3.38 25.29
CA ASN B 329 -10.39 3.32 26.51
C ASN B 329 -10.63 2.00 27.27
N TYR B 330 -11.88 1.61 27.37
CA TYR B 330 -12.20 0.35 28.04
C TYR B 330 -11.68 -0.86 27.26
N LEU B 331 -11.72 -0.81 25.94
CA LEU B 331 -11.13 -1.90 25.16
C LEU B 331 -9.64 -2.05 25.48
N ARG B 332 -8.94 -0.91 25.60
CA ARG B 332 -7.50 -0.96 25.85
CA ARG B 332 -7.50 -0.96 25.85
C ARG B 332 -7.17 -1.27 27.31
N MET B 333 -8.21 -1.45 28.14
CA MET B 333 -8.00 -1.90 29.52
C MET B 333 -8.39 -3.36 29.73
N VAL B 334 -8.92 -4.00 28.68
CA VAL B 334 -9.39 -5.39 28.80
C VAL B 334 -8.25 -6.32 29.17
N GLU B 335 -8.53 -7.25 30.07
CA GLU B 335 -7.63 -8.33 30.37
C GLU B 335 -8.46 -9.60 30.20
N TYR B 336 -8.15 -10.37 29.17
CA TYR B 336 -9.00 -11.49 28.77
C TYR B 336 -8.16 -12.71 28.43
N ASP B 337 -8.59 -13.88 28.90
CA ASP B 337 -7.92 -15.15 28.60
C ASP B 337 -8.66 -15.91 27.49
N GLY B 338 -8.08 -15.89 26.28
CA GLY B 338 -8.77 -16.37 25.10
C GLY B 338 -8.17 -17.62 24.48
N LEU B 339 -8.79 -18.07 23.40
CA LEU B 339 -8.27 -19.19 22.61
C LEU B 339 -6.86 -18.87 22.13
N THR B 340 -6.55 -17.58 21.95
CA THR B 340 -5.25 -17.21 21.40
C THR B 340 -4.32 -16.71 22.50
N GLY B 341 -4.61 -17.10 23.74
CA GLY B 341 -3.77 -16.75 24.88
C GLY B 341 -4.26 -15.50 25.58
N ARG B 342 -3.36 -14.86 26.33
CA ARG B 342 -3.75 -13.66 27.08
C ARG B 342 -3.94 -12.50 26.13
N VAL B 343 -5.06 -11.79 26.25
CA VAL B 343 -5.32 -10.61 25.43
C VAL B 343 -5.32 -9.36 26.30
N GLU B 344 -4.29 -8.53 26.12
CA GLU B 344 -4.18 -7.21 26.72
C GLU B 344 -3.64 -6.28 25.64
N PHE B 345 -3.86 -4.98 25.77
CA PHE B 345 -3.39 -4.03 24.77
C PHE B 345 -2.51 -2.93 25.36
N ASN B 346 -1.54 -2.49 24.58
CA ASN B 346 -0.75 -1.32 24.96
C ASN B 346 -1.39 -0.04 24.40
N SER B 347 -0.69 1.09 24.55
CA SER B 347 -1.26 2.39 24.17
C SER B 347 -1.35 2.58 22.65
N LYS B 348 -0.83 1.62 21.90
CA LYS B 348 -0.99 1.64 20.45
C LYS B 348 -2.12 0.71 20.01
N GLY B 349 -2.74 0.03 20.98
CA GLY B 349 -3.78 -0.94 20.67
C GLY B 349 -3.21 -2.25 20.17
N GLN B 350 -1.93 -2.49 20.42
CA GLN B 350 -1.30 -3.76 20.03
C GLN B 350 -1.31 -4.78 21.17
N ARG B 351 -1.41 -6.07 20.86
CA ARG B 351 -1.33 -7.10 21.90
C ARG B 351 -0.04 -6.93 22.67
N THR B 352 -0.14 -7.08 23.99
CA THR B 352 1.03 -7.12 24.85
C THR B 352 0.84 -8.23 25.88
N ASN B 353 1.92 -8.57 26.60
CA ASN B 353 1.87 -9.60 27.63
C ASN B 353 1.26 -10.92 27.12
N TYR B 354 1.71 -11.37 25.96
CA TYR B 354 1.29 -12.65 25.39
C TYR B 354 2.53 -13.43 24.97
N THR B 355 2.34 -14.65 24.48
CA THR B 355 3.44 -15.47 24.01
C THR B 355 3.15 -16.09 22.65
N LEU B 356 4.22 -16.47 21.96
CA LEU B 356 4.10 -17.31 20.78
C LEU B 356 4.87 -18.58 21.06
N ARG B 357 4.21 -19.72 20.94
CA ARG B 357 4.89 -21.00 21.03
C ARG B 357 5.71 -21.20 19.77
N ILE B 358 6.94 -21.68 19.94
CA ILE B 358 7.82 -21.98 18.81
C ILE B 358 7.82 -23.47 18.58
N LEU B 359 7.39 -23.85 17.38
CA LEU B 359 7.16 -25.23 17.05
C LEU B 359 8.11 -25.68 15.95
N GLU B 360 8.45 -26.96 15.97
CA GLU B 360 9.22 -27.55 14.88
C GLU B 360 8.42 -28.70 14.30
N LYS B 361 8.40 -28.80 12.97
CA LYS B 361 7.71 -29.91 12.32
C LYS B 361 8.45 -31.23 12.57
N SER B 362 7.69 -32.28 12.81
CA SER B 362 8.26 -33.64 12.93
C SER B 362 7.44 -34.61 12.11
N ARG B 363 7.84 -35.88 12.15
CA ARG B 363 7.11 -36.94 11.46
C ARG B 363 5.62 -36.91 11.75
N GLN B 364 5.26 -36.98 13.03
CA GLN B 364 3.86 -37.15 13.42
C GLN B 364 3.08 -35.83 13.40
N GLY B 365 3.78 -34.70 13.33
CA GLY B 365 3.09 -33.43 13.34
C GLY B 365 4.05 -32.30 13.67
N HIS B 366 3.98 -31.83 14.90
CA HIS B 366 4.93 -30.83 15.39
C HIS B 366 5.15 -30.99 16.88
N ARG B 367 6.23 -30.40 17.37
CA ARG B 367 6.50 -30.37 18.80
C ARG B 367 6.93 -28.97 19.22
N GLU B 368 6.60 -28.60 20.45
CA GLU B 368 7.02 -27.30 20.95
C GLU B 368 8.48 -27.37 21.41
N ILE B 369 9.28 -26.44 20.93
CA ILE B 369 10.71 -26.40 21.27
C ILE B 369 11.09 -25.11 21.99
N GLY B 370 10.13 -24.24 22.26
CA GLY B 370 10.40 -23.00 22.95
C GLY B 370 9.23 -22.03 22.95
N VAL B 371 9.41 -20.89 23.61
CA VAL B 371 8.37 -19.87 23.69
C VAL B 371 8.97 -18.49 23.52
N TRP B 372 8.35 -17.68 22.69
CA TRP B 372 8.71 -16.28 22.57
C TRP B 372 7.76 -15.43 23.43
N TYR B 373 8.31 -14.53 24.25
CA TYR B 373 7.51 -13.66 25.10
C TYR B 373 7.52 -12.24 24.53
N SER B 374 6.34 -11.65 24.39
CA SER B 374 6.23 -10.27 23.89
C SER B 374 6.85 -9.25 24.84
N ASN B 375 7.06 -9.64 26.09
CA ASN B 375 7.55 -8.73 27.11
C ASN B 375 8.97 -9.07 27.56
C1 NAG C . 3.72 16.81 0.77
C2 NAG C . 2.32 17.32 0.39
C3 NAG C . 1.78 18.17 1.52
C4 NAG C . 1.74 17.36 2.80
C5 NAG C . 3.01 16.55 3.05
C6 NAG C . 2.73 15.47 4.09
C7 NAG C . 1.54 17.57 -1.89
C8 NAG C . 1.09 18.58 -2.90
N2 NAG C . 2.30 18.01 -0.88
O3 NAG C . 0.50 18.64 1.20
O4 NAG C . 1.51 18.25 3.88
O5 NAG C . 3.53 15.95 1.87
O6 NAG C . 3.41 14.26 3.83
O7 NAG C . 1.21 16.39 -2.02
H2 NAG C . 1.66 16.45 0.33
H3 NAG C . 2.46 19.02 1.66
H4 NAG C . 0.91 16.65 2.73
H5 NAG C . 3.77 17.22 3.45
H61 NAG C . 1.66 15.24 4.10
H62 NAG C . 3.01 15.84 5.08
H81 NAG C . 0.01 18.61 -2.93
H82 NAG C . 1.47 18.31 -3.89
H83 NAG C . 1.48 19.56 -2.63
HN2 NAG C . 2.74 18.92 -0.94
HO3 NAG C . 0.23 18.32 0.33
HO6 NAG C . 3.96 14.36 3.02
C1 NAG C . 0.22 18.00 4.47
C2 NAG C . 0.35 17.93 5.97
C3 NAG C . -0.87 17.22 6.50
C4 NAG C . -2.16 17.85 5.96
C5 NAG C . -2.04 18.75 4.72
C6 NAG C . -2.66 20.11 5.02
C7 NAG C . 2.64 17.93 6.72
C8 NAG C . 3.70 17.20 7.50
N2 NAG C . 1.57 17.24 6.36
O3 NAG C . -0.88 17.29 7.91
O4 NAG C . -3.08 16.83 5.68
O5 NAG C . -0.75 18.98 4.18
O6 NAG C . -1.92 20.77 6.03
O7 NAG C . 2.80 19.12 6.43
H2 NAG C . 0.39 18.95 6.35
H3 NAG C . -0.83 16.17 6.19
H4 NAG C . -2.56 18.50 6.75
H5 NAG C . -2.61 18.29 3.91
H61 NAG C . -3.71 19.98 5.33
H62 NAG C . -2.67 20.72 4.12
H81 NAG C . 3.84 17.69 8.47
H82 NAG C . 4.64 17.22 6.95
H83 NAG C . 3.39 16.17 7.65
HN2 NAG C . 1.52 16.25 6.53
HO3 NAG C . -0.09 17.78 8.21
HO6 NAG C . -1.18 20.20 6.31
C1 NAG D . -2.44 -17.09 -0.18
C2 NAG D . -3.91 -16.97 -0.60
C3 NAG D . -4.13 -16.95 -2.11
C4 NAG D . -3.04 -16.25 -2.91
C5 NAG D . -1.66 -16.46 -2.29
C6 NAG D . -0.57 -15.64 -2.96
C7 NAG D . -5.73 -17.87 0.75
C8 NAG D . -6.54 -19.08 1.09
N2 NAG D . -4.67 -18.07 -0.02
O3 NAG D . -5.38 -16.33 -2.40
O4 NAG D . -3.02 -16.84 -4.18
O5 NAG D . -1.71 -16.14 -0.92
O6 NAG D . -0.74 -14.28 -2.65
O7 NAG D . -6.05 -16.76 1.17
H2 NAG D . -4.30 -16.04 -0.18
H3 NAG D . -4.14 -17.97 -2.47
H4 NAG D . -3.29 -15.19 -2.99
H5 NAG D . -1.41 -17.52 -2.39
H61 NAG D . -0.61 -15.79 -4.04
H62 NAG D . 0.41 -15.97 -2.61
H81 NAG D . -7.56 -18.95 0.73
H82 NAG D . -6.56 -19.22 2.17
H83 NAG D . -6.10 -19.96 0.62
HN2 NAG D . -4.37 -19.01 -0.23
HO3 NAG D . -5.81 -16.07 -1.56
HO6 NAG D . -1.52 -14.16 -2.07
C1 NAG D . -3.56 -15.98 -5.21
C2 NAG D . -2.98 -16.47 -6.53
C3 NAG D . -3.61 -15.83 -7.75
C4 NAG D . -5.13 -15.78 -7.63
C5 NAG D . -5.54 -15.23 -6.27
C6 NAG D . -7.06 -15.25 -6.14
C7 NAG D . -0.73 -17.34 -6.46
C8 NAG D . 0.75 -17.08 -6.54
N2 NAG D . -1.54 -16.30 -6.54
O3 NAG D . -3.27 -16.58 -8.90
O4 NAG D . -5.66 -14.98 -8.65
O5 NAG D . -4.97 -15.98 -5.24
O6 NAG D . -7.51 -16.59 -6.01
O7 NAG D . -1.13 -18.50 -6.34
H2 NAG D . -3.20 -17.54 -6.62
H3 NAG D . -3.21 -14.81 -7.86
H4 NAG D . -5.50 -16.80 -7.74
H5 NAG D . -5.21 -14.19 -6.21
H61 NAG D . -7.52 -14.78 -7.01
H62 NAG D . -7.36 -14.69 -5.26
H81 NAG D . 1.17 -17.60 -7.39
H82 NAG D . 1.22 -17.43 -5.63
H83 NAG D . 0.92 -16.00 -6.64
HN2 NAG D . -1.16 -15.38 -6.77
HO3 NAG D . -2.71 -17.34 -8.63
HO6 NAG D . -6.75 -17.20 -6.04
C1 GOL E . 22.69 0.21 -4.04
O1 GOL E . 21.71 -0.80 -3.88
C2 GOL E . 24.10 -0.38 -3.86
O2 GOL E . 23.97 -1.78 -3.71
C3 GOL E . 24.81 0.19 -2.63
O3 GOL E . 25.43 1.45 -2.87
H11 GOL E . 22.62 0.65 -5.04
H12 GOL E . 22.52 1.00 -3.31
HO1 GOL E . 20.82 -0.40 -3.95
H2 GOL E . 24.69 -0.15 -4.74
HO2 GOL E . 24.87 -2.17 -3.62
H31 GOL E . 24.10 0.30 -1.81
H32 GOL E . 25.57 -0.52 -2.31
HO3 GOL E . 25.27 2.05 -2.12
C1 NAG F . 13.34 16.36 -27.12
C2 NAG F . 13.63 14.88 -27.42
C3 NAG F . 14.34 14.72 -28.76
C4 NAG F . 13.64 15.51 -29.85
C5 NAG F . 13.44 16.95 -29.40
C6 NAG F . 12.73 17.82 -30.44
C7 NAG F . 13.97 13.39 -25.49
C8 NAG F . 14.93 12.94 -24.43
N2 NAG F . 14.44 14.28 -26.36
O3 NAG F . 14.35 13.34 -29.09
O4 NAG F . 14.44 15.53 -31.02
O5 NAG F . 12.68 16.95 -28.20
O6 NAG F . 11.49 17.23 -30.81
O7 NAG F . 12.83 12.95 -25.51
H2 NAG F . 12.67 14.35 -27.46
H3 NAG F . 15.37 15.07 -28.65
H4 NAG F . 12.69 15.03 -30.07
H5 NAG F . 14.41 17.38 -29.18
H61 NAG F . 13.37 17.92 -31.31
H62 NAG F . 12.56 18.81 -30.03
H81 NAG F . 15.08 11.86 -24.51
H82 NAG F . 14.53 13.18 -23.45
H83 NAG F . 15.89 13.44 -24.56
HN2 NAG F . 15.39 14.58 -26.30
HO3 NAG F . 13.91 12.82 -28.40
HO4 NAG F . 15.26 15.03 -30.86
HO6 NAG F . 11.37 16.39 -30.31
C1 NAG G . 8.88 34.62 -15.47
C2 NAG G . 10.27 34.15 -15.90
C3 NAG G . 11.37 35.21 -15.71
C4 NAG G . 10.90 36.61 -16.05
C5 NAG G . 9.57 36.87 -15.37
C6 NAG G . 9.06 38.29 -15.61
C7 NAG G . 10.79 31.77 -15.78
C8 NAG G . 11.17 30.61 -14.90
N2 NAG G . 10.65 32.95 -15.18
O3 NAG G . 12.49 34.87 -16.50
O4 NAG G . 11.85 37.55 -15.61
O5 NAG G . 8.64 35.95 -15.88
O6 NAG G . 8.65 38.44 -16.96
O7 NAG G . 10.63 31.60 -16.99
H2 NAG G . 10.25 33.92 -16.97
H3 NAG G . 11.67 35.21 -14.66
H4 NAG G . 10.81 36.68 -17.14
H5 NAG G . 9.70 36.73 -14.30
H61 NAG G . 9.85 39.01 -15.38
H62 NAG G . 8.22 38.49 -14.94
H81 NAG G . 12.11 30.20 -15.23
H82 NAG G . 10.39 29.85 -14.95
H83 NAG G . 11.25 30.95 -13.87
HN2 NAG G . 10.80 33.03 -14.18
HO3 NAG G . 12.31 34.05 -16.99
HO4 NAG G . 12.59 37.08 -15.17
HO6 NAG G . 8.78 37.59 -17.43
C1 NAG H . -13.90 9.48 -36.38
C2 NAG H . -13.82 10.89 -35.83
C3 NAG H . -14.79 11.85 -36.54
C4 NAG H . -14.90 11.64 -38.04
C5 NAG H . -14.68 10.20 -38.50
C6 NAG H . -14.32 10.14 -39.99
C7 NAG H . -13.26 11.33 -33.49
C8 NAG H . -13.78 11.53 -32.09
N2 NAG H . -14.14 10.91 -34.40
O3 NAG H . -14.31 13.16 -36.35
O4 NAG H . -16.22 11.98 -38.43
O5 NAG H . -13.67 9.54 -37.77
O6 NAG H . -13.28 11.05 -40.31
O7 NAG H . -12.08 11.55 -33.74
H2 NAG H . -12.82 11.27 -35.97
H3 NAG H . -15.77 11.76 -36.07
H4 NAG H . -14.20 12.30 -38.53
H5 NAG H . -15.60 9.63 -38.35
H61 NAG H . -15.20 10.39 -40.58
H62 NAG H . -14.01 9.13 -40.25
H81 NAG H . -13.63 12.57 -31.79
H82 NAG H . -13.22 10.89 -31.40
H83 NAG H . -14.83 11.28 -32.05
HN2 NAG H . -15.04 10.58 -34.10
HO3 NAG H . -13.49 13.15 -35.82
HO4 NAG H . -16.73 12.26 -37.65
HO6 NAG H . -13.01 11.52 -39.50
C1 NAG I . 12.48 4.79 -28.08
C2 NAG I . 12.33 4.13 -29.46
C3 NAG I . 12.83 4.96 -30.65
C4 NAG I . 12.87 6.47 -30.42
C5 NAG I . 13.40 6.71 -29.03
C6 NAG I . 13.67 8.18 -28.68
C7 NAG I . 12.56 1.70 -29.48
C8 NAG I . 13.48 0.55 -29.25
N2 NAG I . 13.11 2.91 -29.44
O3 NAG I . 12.05 4.67 -31.80
O4 NAG I . 13.70 7.08 -31.39
O5 NAG I . 12.42 6.19 -28.17
O6 NAG I . 12.52 8.98 -28.85
O7 NAG I . 11.37 1.52 -29.70
H2 NAG I . 11.28 3.87 -29.61
H3 NAG I . 13.87 4.68 -30.85
H4 NAG I . 11.86 6.85 -30.52
H5 NAG I . 14.33 6.16 -28.90
H61 NAG I . 14.45 8.57 -29.32
H62 NAG I . 14.00 8.26 -27.65
H81 NAG I . 13.47 -0.11 -30.13
H82 NAG I . 13.15 -0.02 -28.37
H83 NAG I . 14.49 0.91 -29.07
HN2 NAG I . 14.12 2.99 -29.40
HO3 NAG I . 11.36 4.01 -31.57
HO4 NAG I . 14.07 6.39 -31.99
HO6 NAG I . 11.77 8.43 -29.17
NA NA J . 24.26 -4.42 3.25
C1 GOL K . 20.13 -11.84 11.98
O1 GOL K . 20.73 -12.99 11.40
C2 GOL K . 20.69 -10.56 11.38
O2 GOL K . 22.06 -10.71 11.11
C3 GOL K . 20.50 -9.39 12.35
O3 GOL K . 19.40 -8.61 11.98
H11 GOL K . 20.30 -11.86 13.06
H12 GOL K . 19.06 -11.89 11.81
HO1 GOL K . 20.41 -13.80 11.84
H2 GOL K . 20.14 -10.33 10.46
HO2 GOL K . 22.41 -9.89 10.71
H31 GOL K . 21.41 -8.78 12.35
H32 GOL K . 20.36 -9.78 13.37
HO3 GOL K . 19.13 -8.05 12.74
C1 NAG L . -4.07 -21.13 28.87
C2 NAG L . -3.23 -20.07 29.60
C3 NAG L . -3.11 -20.37 31.09
C4 NAG L . -4.44 -20.73 31.72
C5 NAG L . -5.13 -21.79 30.87
C6 NAG L . -6.48 -22.22 31.43
C7 NAG L . -1.46 -18.95 28.32
C8 NAG L . -0.15 -19.13 27.61
N2 NAG L . -1.89 -19.99 29.03
O3 NAG L . -2.58 -19.23 31.73
O4 NAG L . -4.23 -21.24 33.02
O5 NAG L . -5.29 -21.31 29.56
O6 NAG L . -7.34 -21.11 31.59
O7 NAG L . -2.08 -17.90 28.20
H2 NAG L . -3.71 -19.10 29.48
H3 NAG L . -2.42 -21.20 31.22
H4 NAG L . -5.05 -19.83 31.77
H5 NAG L . -4.47 -22.67 30.84
H61 NAG L . -6.34 -22.70 32.39
H62 NAG L . -6.94 -22.94 30.75
H81 NAG L . 0.56 -18.38 27.96
H82 NAG L . -0.29 -19.02 26.54
H83 NAG L . 0.25 -20.12 27.83
HN2 NAG L . -1.26 -20.76 29.20
HO3 NAG L . -2.42 -18.53 31.07
HO4 NAG L . -3.27 -21.24 33.21
HO6 NAG L . -6.88 -20.30 31.30
C1 NAG M . -12.06 -34.37 13.04
C2 NAG M . -10.62 -34.56 13.51
C3 NAG M . -10.20 -35.99 13.18
C4 NAG M . -11.12 -36.96 13.92
C5 NAG M . -12.58 -36.63 13.60
C6 NAG M . -13.55 -37.47 14.43
C7 NAG M . -8.88 -32.81 13.58
C8 NAG M . -7.86 -32.06 12.77
N2 NAG M . -9.69 -33.63 12.89
O3 NAG M . -8.86 -36.24 13.53
O4 NAG M . -10.84 -38.27 13.50
O5 NAG M . -12.85 -35.25 13.81
O6 NAG M . -13.36 -37.25 15.81
O7 NAG M . -8.92 -32.67 14.80
H2 NAG M . -10.59 -34.41 14.58
H3 NAG M . -10.33 -36.15 12.11
H4 NAG M . -10.94 -36.87 14.98
H5 NAG M . -12.75 -36.84 12.54
H61 NAG M . -13.40 -38.53 14.21
H62 NAG M . -14.58 -37.22 14.16
H81 NAG M . -6.86 -32.34 13.12
H82 NAG M . -8.01 -30.99 12.91
H83 NAG M . -7.97 -32.32 11.73
HN2 NAG M . -9.67 -33.58 11.88
HO3 NAG M . -8.48 -35.43 13.93
HO4 NAG M . -10.12 -38.27 12.83
HO6 NAG M . -12.64 -36.60 15.94
C1 NAG N . -26.19 -1.88 30.92
C2 NAG N . -26.49 -3.29 30.43
C3 NAG N . -27.99 -3.56 30.44
C4 NAG N . -28.49 -3.35 31.87
C5 NAG N . -28.08 -1.96 32.37
C6 NAG N . -28.42 -1.80 33.85
C7 NAG N . -25.06 -4.58 28.98
C8 NAG N . -24.57 -4.87 27.59
N2 NAG N . -25.91 -3.57 29.12
O3 NAG N . -28.28 -4.88 30.04
O4 NAG N . -29.89 -3.47 31.90
O5 NAG N . -26.69 -1.73 32.22
O6 NAG N . -27.47 -2.47 34.66
O7 NAG N . -24.66 -5.26 29.92
H2 NAG N . -26.08 -4.00 31.14
H3 NAG N . -28.47 -2.85 29.77
H4 NAG N . -28.04 -4.09 32.51
H5 NAG N . -28.64 -1.21 31.81
H61 NAG N . -29.42 -2.21 34.04
H62 NAG N . -28.43 -0.74 34.12
H81 NAG N . -24.85 -5.89 27.32
H82 NAG N . -23.49 -4.77 27.55
H83 NAG N . -25.03 -4.17 26.89
HN2 NAG N . -25.99 -2.87 28.40
HO3 NAG N . -27.44 -5.34 29.83
HO4 NAG N . -30.23 -3.67 31.00
HO6 NAG N . -26.80 -2.89 34.08
C1 NAG O . 0.33 -11.05 31.93
C2 NAG O . 0.19 -10.37 33.30
C3 NAG O . -0.17 -11.31 34.45
C4 NAG O . -1.14 -12.40 34.02
C5 NAG O . -0.64 -13.07 32.75
C6 NAG O . -1.55 -14.21 32.34
C7 NAG O . 1.64 -8.43 33.56
C8 NAG O . 3.03 -7.94 33.85
N2 NAG O . 1.44 -9.74 33.66
O3 NAG O . -0.74 -10.57 35.52
O4 NAG O . -1.20 -13.36 35.05
O5 NAG O . -0.60 -12.11 31.72
O6 NAG O . -1.02 -14.84 31.20
O7 NAG O . 0.75 -7.65 33.24
H2 NAG O . -0.57 -9.60 33.22
H3 NAG O . 0.74 -11.81 34.79
H4 NAG O . -2.13 -11.95 33.89
H5 NAG O . 0.35 -13.47 32.95
H61 NAG O . -2.56 -13.82 32.15
H62 NAG O . -1.63 -14.93 33.16
H81 NAG O . 3.00 -7.26 34.69
H82 NAG O . 3.43 -7.44 32.97
H83 NAG O . 3.66 -8.80 34.11
HN2 NAG O . 2.20 -10.33 33.99
HO3 NAG O . -0.78 -9.63 35.28
HO4 NAG O . -0.61 -13.09 35.78
HO6 NAG O . -0.19 -14.39 30.94
NA NA P . 23.65 -6.48 5.96
#